data_2MM3
#
_entry.id   2MM3
#
loop_
_entity.id
_entity.type
_entity.pdbx_description
1 polymer Gastrotropin
2 non-polymer 'GLYCOCHOLIC ACID'
3 non-polymer 'GLYCOCHENODEOXYCHOLIC ACID'
#
_entity_poly.entity_id   1
_entity_poly.type   'polypeptide(L)'
_entity_poly.pdbx_seq_one_letter_code
;AFTGKFEMESEKNYDEFMKLLGISSDVIEKARNFKIVTEVQQDGQDFTWSQHYSGGHTMTNKFTVGKESNIQTMGGKTFK
ATVQMEGGKLVVNFPNYHQTSEIVGDKLVEVSTIGGVTYERVSKRLA
;
_entity_poly.pdbx_strand_id   A
#
# COMPACT_ATOMS: atom_id res chain seq x y z
N ALA A 1 14.32 4.64 1.16
CA ALA A 1 13.78 5.97 1.48
C ALA A 1 12.71 6.32 0.46
N PHE A 2 11.49 5.90 0.78
CA PHE A 2 10.30 6.07 -0.04
C PHE A 2 9.52 7.37 0.10
N THR A 3 10.02 8.21 0.99
CA THR A 3 9.34 9.45 1.44
C THR A 3 8.80 10.39 0.33
N GLY A 4 7.61 11.02 0.52
CA GLY A 4 7.16 12.04 -0.40
C GLY A 4 5.71 12.17 -0.48
N LYS A 5 5.14 12.91 -1.45
CA LYS A 5 3.69 13.01 -1.76
C LYS A 5 3.49 12.43 -3.17
N PHE A 6 2.55 11.52 -3.33
CA PHE A 6 2.40 10.73 -4.55
C PHE A 6 0.91 10.70 -4.89
N GLU A 7 0.56 10.87 -6.16
CA GLU A 7 -0.83 10.70 -6.58
C GLU A 7 -1.07 9.43 -7.34
N MET A 8 -2.09 8.59 -7.10
CA MET A 8 -2.29 7.41 -7.92
C MET A 8 -3.20 7.68 -9.12
N GLU A 9 -2.85 6.90 -10.19
CA GLU A 9 -3.59 6.77 -11.43
C GLU A 9 -3.28 5.49 -12.13
N SER A 10 -3.68 4.35 -11.54
CA SER A 10 -3.74 3.04 -12.21
C SER A 10 -4.31 2.03 -11.21
N GLU A 11 -5.36 1.30 -11.59
CA GLU A 11 -5.94 0.25 -10.87
C GLU A 11 -6.28 -0.92 -11.74
N LYS A 12 -5.66 -2.09 -11.52
CA LYS A 12 -5.80 -3.26 -12.40
C LYS A 12 -6.21 -4.49 -11.59
N ASN A 13 -7.45 -5.00 -11.80
CA ASN A 13 -8.12 -6.04 -10.98
C ASN A 13 -8.62 -5.55 -9.58
N TYR A 14 -8.81 -4.25 -9.44
CA TYR A 14 -9.06 -3.44 -8.23
C TYR A 14 -10.30 -3.84 -7.40
N ASP A 15 -11.47 -3.94 -8.02
CA ASP A 15 -12.75 -4.27 -7.35
C ASP A 15 -12.76 -5.68 -6.72
N GLU A 16 -12.17 -6.65 -7.40
CA GLU A 16 -12.01 -8.02 -6.87
C GLU A 16 -10.88 -8.17 -5.86
N PHE A 17 -9.73 -7.56 -6.16
CA PHE A 17 -8.58 -7.53 -5.28
C PHE A 17 -8.90 -6.96 -3.90
N MET A 18 -9.62 -5.85 -3.83
CA MET A 18 -9.79 -5.22 -2.53
C MET A 18 -10.86 -5.89 -1.62
N LYS A 19 -11.90 -6.47 -2.33
CA LYS A 19 -12.90 -7.34 -1.72
C LYS A 19 -12.30 -8.54 -1.11
N LEU A 20 -11.44 -9.26 -1.83
CA LEU A 20 -10.86 -10.53 -1.30
C LEU A 20 -10.05 -10.26 -0.10
N LEU A 21 -9.45 -9.05 -0.05
CA LEU A 21 -8.58 -8.69 1.10
C LEU A 21 -9.39 -8.30 2.34
N GLY A 22 -10.61 -7.75 2.10
CA GLY A 22 -11.62 -7.52 3.14
C GLY A 22 -12.03 -6.08 3.16
N ILE A 23 -12.14 -5.40 2.02
CA ILE A 23 -12.85 -4.12 1.90
C ILE A 23 -14.26 -4.37 1.35
N SER A 24 -15.30 -3.97 2.09
CA SER A 24 -16.67 -4.13 1.74
C SER A 24 -17.16 -3.30 0.49
N SER A 25 -16.96 -1.95 0.65
CA SER A 25 -17.08 -1.00 -0.40
C SER A 25 -16.29 0.21 -0.06
N ASP A 26 -15.88 0.41 1.20
CA ASP A 26 -15.43 1.72 1.65
C ASP A 26 -14.25 2.33 0.88
N VAL A 27 -13.09 1.66 0.76
CA VAL A 27 -11.92 2.26 0.08
C VAL A 27 -12.05 2.16 -1.44
N ILE A 28 -12.65 1.08 -1.96
CA ILE A 28 -12.70 0.76 -3.39
C ILE A 28 -13.61 1.69 -4.19
N GLU A 29 -14.75 2.09 -3.62
CA GLU A 29 -15.64 3.11 -4.19
C GLU A 29 -14.92 4.46 -4.40
N LYS A 30 -13.98 4.77 -3.49
CA LYS A 30 -13.23 6.03 -3.47
C LYS A 30 -12.06 5.93 -4.44
N ALA A 31 -11.37 4.79 -4.47
CA ALA A 31 -10.29 4.52 -5.43
C ALA A 31 -10.66 4.48 -6.88
N ARG A 32 -11.75 3.74 -7.23
CA ARG A 32 -12.21 3.68 -8.65
C ARG A 32 -12.51 5.05 -9.23
N ASN A 33 -13.14 5.93 -8.42
CA ASN A 33 -13.62 7.23 -8.96
C ASN A 33 -12.55 8.35 -8.84
N PHE A 34 -12.08 8.58 -7.62
CA PHE A 34 -11.16 9.65 -7.23
C PHE A 34 -9.66 9.36 -7.33
N LYS A 35 -9.30 8.08 -7.19
CA LYS A 35 -7.93 7.52 -7.09
C LYS A 35 -7.04 8.18 -6.01
N ILE A 36 -6.85 7.43 -4.93
CA ILE A 36 -6.17 7.69 -3.65
C ILE A 36 -4.95 8.58 -3.67
N VAL A 37 -4.57 9.35 -2.63
CA VAL A 37 -3.40 10.11 -2.49
C VAL A 37 -2.63 9.47 -1.31
N THR A 38 -1.34 9.84 -1.16
CA THR A 38 -0.55 9.51 0.05
C THR A 38 0.55 10.51 0.43
N GLU A 39 0.94 10.49 1.70
CA GLU A 39 2.12 11.12 2.25
C GLU A 39 2.92 10.06 3.05
N VAL A 40 4.12 9.75 2.57
CA VAL A 40 4.99 8.68 3.12
C VAL A 40 6.10 9.30 3.95
N GLN A 41 6.59 8.58 4.97
CA GLN A 41 7.71 9.01 5.78
C GLN A 41 8.47 7.77 6.23
N GLN A 42 9.74 7.65 5.84
CA GLN A 42 10.56 6.48 6.25
C GLN A 42 11.80 6.94 7.02
N ASP A 43 12.06 6.40 8.21
CA ASP A 43 13.17 6.77 9.01
C ASP A 43 14.00 5.53 9.25
N GLY A 44 14.72 5.13 8.16
CA GLY A 44 15.56 3.96 8.07
C GLY A 44 14.78 2.70 8.13
N GLN A 45 14.89 2.06 9.30
CA GLN A 45 14.08 0.89 9.65
C GLN A 45 12.63 1.14 9.94
N ASP A 46 12.34 2.26 10.59
CA ASP A 46 10.99 2.73 10.85
C ASP A 46 10.28 3.31 9.61
N PHE A 47 8.99 3.03 9.46
CA PHE A 47 8.21 3.35 8.33
C PHE A 47 6.81 3.88 8.75
N THR A 48 6.27 4.83 8.01
CA THR A 48 4.92 5.34 8.11
C THR A 48 4.46 5.63 6.69
N TRP A 49 3.29 5.14 6.27
CA TRP A 49 2.52 5.82 5.23
C TRP A 49 1.22 6.33 5.82
N SER A 50 0.80 7.49 5.34
CA SER A 50 -0.54 8.05 5.53
C SER A 50 -1.18 8.17 4.16
N GLN A 51 -2.35 7.59 3.95
CA GLN A 51 -3.14 7.73 2.73
C GLN A 51 -4.41 8.53 3.03
N HIS A 52 -4.92 9.22 2.01
CA HIS A 52 -6.18 9.97 2.07
C HIS A 52 -7.05 9.70 0.85
N TYR A 53 -8.35 9.54 1.07
CA TYR A 53 -9.33 9.20 0.05
C TYR A 53 -10.54 10.13 0.09
N SER A 54 -11.27 10.19 -1.03
CA SER A 54 -12.19 11.21 -1.43
C SER A 54 -12.84 12.11 -0.44
N GLY A 55 -13.49 11.64 0.62
CA GLY A 55 -14.25 12.44 1.57
C GLY A 55 -13.37 12.97 2.65
N GLY A 56 -12.11 12.60 2.62
CA GLY A 56 -11.02 13.19 3.33
C GLY A 56 -10.90 12.43 4.58
N HIS A 57 -11.21 11.11 4.56
CA HIS A 57 -10.77 10.15 5.58
C HIS A 57 -9.26 9.89 5.42
N THR A 58 -8.56 9.82 6.53
CA THR A 58 -7.18 9.32 6.65
C THR A 58 -7.13 7.82 6.89
N MET A 59 -6.18 7.09 6.29
CA MET A 59 -5.80 5.75 6.80
C MET A 59 -4.22 5.66 6.80
N THR A 60 -3.62 5.33 7.93
CA THR A 60 -2.17 5.26 8.11
C THR A 60 -1.72 3.87 8.48
N ASN A 61 -0.44 3.53 8.37
CA ASN A 61 0.15 2.46 9.11
C ASN A 61 1.58 2.91 9.44
N LYS A 62 2.07 2.46 10.60
CA LYS A 62 3.43 2.70 11.09
C LYS A 62 4.06 1.40 11.55
N PHE A 63 5.09 0.90 10.86
CA PHE A 63 5.80 -0.29 11.32
C PHE A 63 7.31 -0.15 11.14
N THR A 64 8.08 -1.08 11.75
CA THR A 64 9.55 -1.11 11.70
C THR A 64 9.83 -2.21 10.71
N VAL A 65 10.46 -2.01 9.56
CA VAL A 65 10.74 -3.09 8.61
C VAL A 65 11.61 -4.22 9.21
N GLY A 66 11.20 -5.47 9.03
CA GLY A 66 11.83 -6.62 9.71
C GLY A 66 11.29 -6.94 11.11
N LYS A 67 10.26 -6.22 11.58
CA LYS A 67 9.53 -6.42 12.84
C LYS A 67 8.04 -6.71 12.57
N GLU A 68 7.32 -7.18 13.60
CA GLU A 68 6.07 -7.84 13.47
C GLU A 68 5.02 -7.21 14.43
N SER A 69 3.72 -7.39 14.15
CA SER A 69 2.55 -7.01 14.95
C SER A 69 2.25 -5.50 15.08
N ASN A 70 2.74 -4.67 14.15
CA ASN A 70 2.52 -3.22 14.11
C ASN A 70 1.88 -2.73 12.79
N ILE A 71 1.61 -3.64 11.85
CA ILE A 71 1.35 -3.37 10.44
C ILE A 71 -0.16 -3.44 10.17
N GLN A 72 -0.77 -2.49 9.44
CA GLN A 72 -2.21 -2.47 9.31
C GLN A 72 -2.63 -1.96 7.92
N THR A 73 -3.88 -2.29 7.56
CA THR A 73 -4.43 -2.27 6.18
C THR A 73 -4.82 -0.90 5.60
N MET A 74 -5.39 -0.78 4.37
CA MET A 74 -6.09 0.33 3.93
C MET A 74 -7.27 0.73 4.81
N GLY A 75 -7.94 -0.28 5.37
CA GLY A 75 -8.92 -0.06 6.42
C GLY A 75 -8.45 0.12 7.82
N GLY A 76 -7.17 -0.08 7.98
CA GLY A 76 -6.58 -0.03 9.28
C GLY A 76 -6.81 -1.15 10.22
N LYS A 77 -6.82 -2.36 9.65
CA LYS A 77 -6.96 -3.58 10.48
C LYS A 77 -5.52 -4.13 10.81
N THR A 78 -5.10 -4.30 12.06
CA THR A 78 -3.73 -4.77 12.37
C THR A 78 -3.45 -6.23 12.01
N PHE A 79 -2.28 -6.54 11.45
CA PHE A 79 -1.81 -7.92 11.28
C PHE A 79 -0.40 -8.21 11.81
N LYS A 80 -0.06 -9.50 11.88
CA LYS A 80 1.27 -10.01 12.29
C LYS A 80 1.92 -10.68 11.09
N ALA A 81 2.93 -10.05 10.50
CA ALA A 81 3.98 -10.74 9.74
C ALA A 81 5.22 -9.84 9.67
N THR A 82 6.23 -10.30 8.94
CA THR A 82 7.55 -9.70 8.86
C THR A 82 7.62 -8.99 7.53
N VAL A 83 7.61 -7.67 7.55
CA VAL A 83 7.86 -6.95 6.33
C VAL A 83 9.34 -6.95 6.00
N GLN A 84 9.70 -7.22 4.75
CA GLN A 84 11.10 -7.47 4.35
C GLN A 84 11.52 -6.53 3.22
N MET A 85 12.78 -6.05 3.24
CA MET A 85 13.32 -5.25 2.15
C MET A 85 14.10 -6.15 1.19
N GLU A 86 13.82 -6.06 -0.12
CA GLU A 86 14.69 -6.77 -1.12
C GLU A 86 14.88 -5.92 -2.38
N GLY A 87 16.06 -5.41 -2.57
CA GLY A 87 16.36 -4.35 -3.53
C GLY A 87 15.86 -2.98 -3.18
N GLY A 88 15.51 -2.83 -1.90
CA GLY A 88 14.96 -1.61 -1.33
C GLY A 88 13.44 -1.50 -1.43
N LYS A 89 12.72 -2.62 -1.61
CA LYS A 89 11.31 -2.68 -1.99
C LYS A 89 10.62 -3.49 -0.90
N LEU A 90 9.49 -3.05 -0.35
CA LEU A 90 8.92 -3.70 0.85
C LEU A 90 7.92 -4.81 0.48
N VAL A 91 7.94 -5.93 1.21
CA VAL A 91 7.12 -7.11 0.88
C VAL A 91 6.60 -7.73 2.17
N VAL A 92 5.38 -8.26 2.16
CA VAL A 92 4.96 -9.25 3.17
C VAL A 92 4.62 -10.54 2.44
N ASN A 93 4.72 -11.64 3.17
CA ASN A 93 4.34 -12.98 2.75
C ASN A 93 3.35 -13.57 3.76
N PHE A 94 2.31 -14.23 3.25
CA PHE A 94 1.24 -14.85 3.97
C PHE A 94 0.85 -16.10 3.12
N PRO A 95 0.09 -17.06 3.61
CA PRO A 95 -0.69 -18.02 2.87
C PRO A 95 -1.66 -17.46 1.90
N ASN A 96 -2.44 -16.45 2.30
CA ASN A 96 -3.41 -15.84 1.39
C ASN A 96 -2.84 -14.61 0.71
N TYR A 97 -1.68 -14.07 1.14
CA TYR A 97 -1.22 -12.79 0.57
C TYR A 97 0.29 -12.70 0.31
N HIS A 98 0.64 -11.82 -0.61
CA HIS A 98 2.02 -11.41 -0.94
C HIS A 98 1.93 -10.05 -1.59
N GLN A 99 2.95 -9.20 -1.44
CA GLN A 99 3.05 -8.09 -2.40
C GLN A 99 4.45 -7.53 -2.44
N THR A 100 4.71 -6.51 -3.25
CA THR A 100 6.02 -5.86 -3.41
C THR A 100 5.77 -4.40 -3.84
N SER A 101 6.61 -3.47 -3.37
CA SER A 101 6.40 -2.03 -3.32
C SER A 101 7.75 -1.36 -3.59
N GLU A 102 7.77 -0.49 -4.67
CA GLU A 102 9.04 -0.01 -5.17
C GLU A 102 9.02 1.39 -5.83
N ILE A 103 10.18 2.01 -6.10
CA ILE A 103 10.24 3.24 -6.89
C ILE A 103 10.91 2.87 -8.20
N VAL A 104 10.30 3.19 -9.35
CA VAL A 104 10.98 3.01 -10.61
C VAL A 104 11.13 4.36 -11.31
N GLY A 105 12.40 4.78 -11.57
CA GLY A 105 12.61 6.08 -12.25
C GLY A 105 12.39 7.25 -11.28
N ASP A 106 11.29 7.95 -11.49
CA ASP A 106 10.71 8.84 -10.51
C ASP A 106 9.34 8.49 -10.10
N LYS A 107 8.83 7.40 -10.68
CA LYS A 107 7.44 6.98 -10.47
C LYS A 107 7.38 5.80 -9.54
N LEU A 108 6.26 5.67 -8.84
CA LEU A 108 6.07 4.77 -7.70
C LEU A 108 5.14 3.61 -8.11
N VAL A 109 5.58 2.35 -7.93
CA VAL A 109 5.08 1.21 -8.68
C VAL A 109 4.88 0.04 -7.73
N GLU A 110 3.69 -0.55 -7.69
CA GLU A 110 3.39 -1.60 -6.71
C GLU A 110 2.73 -2.79 -7.37
N VAL A 111 3.18 -3.99 -7.00
CA VAL A 111 2.65 -5.24 -7.58
C VAL A 111 2.32 -6.27 -6.51
N SER A 112 1.09 -6.78 -6.50
CA SER A 112 0.49 -7.46 -5.35
C SER A 112 -0.19 -8.75 -5.78
N THR A 113 -0.36 -9.71 -4.87
CA THR A 113 -0.84 -11.07 -5.12
C THR A 113 -1.75 -11.51 -3.98
N ILE A 114 -3.01 -11.86 -4.23
CA ILE A 114 -3.89 -12.52 -3.24
C ILE A 114 -4.39 -13.81 -3.85
N GLY A 115 -4.31 -14.90 -3.10
CA GLY A 115 -4.93 -16.17 -3.44
C GLY A 115 -4.37 -16.65 -4.81
N GLY A 116 -3.13 -16.27 -5.07
CA GLY A 116 -2.52 -16.42 -6.42
C GLY A 116 -2.93 -15.57 -7.54
N VAL A 117 -3.69 -14.48 -7.33
CA VAL A 117 -4.16 -13.55 -8.39
C VAL A 117 -3.69 -12.09 -8.23
N THR A 118 -3.34 -11.44 -9.35
CA THR A 118 -2.39 -10.32 -9.35
C THR A 118 -3.10 -8.96 -9.39
N TYR A 119 -2.44 -7.98 -8.75
CA TYR A 119 -2.78 -6.55 -8.78
C TYR A 119 -1.56 -5.72 -9.04
N GLU A 120 -1.71 -4.55 -9.70
CA GLU A 120 -0.60 -3.68 -9.96
C GLU A 120 -1.10 -2.23 -9.96
N ARG A 121 -0.23 -1.25 -9.58
CA ARG A 121 -0.60 0.09 -9.25
C ARG A 121 0.52 0.97 -9.59
N VAL A 122 0.19 2.21 -9.94
CA VAL A 122 1.14 3.22 -10.46
C VAL A 122 0.84 4.63 -9.92
N SER A 123 1.88 5.40 -9.63
CA SER A 123 1.76 6.72 -9.03
C SER A 123 2.92 7.64 -9.40
N LYS A 124 2.63 8.93 -9.39
CA LYS A 124 3.52 10.06 -9.73
C LYS A 124 3.81 10.95 -8.50
N ARG A 125 5.06 11.40 -8.28
CA ARG A 125 5.46 12.21 -7.10
C ARG A 125 5.46 13.73 -7.37
N LEU A 126 5.14 14.54 -6.35
CA LEU A 126 5.13 16.00 -6.40
C LEU A 126 5.44 16.64 -5.03
N ALA A 127 6.40 16.06 -4.32
CA ALA A 127 7.04 16.60 -3.13
C ALA A 127 7.97 17.77 -3.48
N ALA A 1 14.34 4.14 1.86
CA ALA A 1 13.37 5.17 2.27
C ALA A 1 12.50 5.54 1.08
N PHE A 2 11.20 5.73 1.32
CA PHE A 2 10.17 5.96 0.30
C PHE A 2 9.44 7.32 0.44
N THR A 3 10.07 8.21 1.22
CA THR A 3 9.60 9.53 1.62
C THR A 3 9.22 10.45 0.46
N GLY A 4 8.06 11.09 0.56
CA GLY A 4 7.52 11.97 -0.49
C GLY A 4 5.99 12.14 -0.41
N LYS A 5 5.34 12.70 -1.46
CA LYS A 5 3.87 12.84 -1.54
C LYS A 5 3.46 12.64 -2.96
N PHE A 6 2.51 11.74 -3.13
CA PHE A 6 2.33 10.91 -4.32
C PHE A 6 0.83 10.85 -4.61
N GLU A 7 0.50 10.74 -5.89
CA GLU A 7 -0.86 10.82 -6.42
C GLU A 7 -1.06 9.77 -7.52
N MET A 8 -1.95 8.80 -7.28
CA MET A 8 -2.25 7.68 -8.16
C MET A 8 -3.31 8.04 -9.21
N GLU A 9 -3.16 7.48 -10.39
CA GLU A 9 -4.19 7.26 -11.33
C GLU A 9 -3.89 5.82 -11.89
N SER A 10 -4.53 4.75 -11.38
CA SER A 10 -4.28 3.37 -11.82
C SER A 10 -5.43 2.52 -11.40
N GLU A 11 -5.45 1.24 -11.93
CA GLU A 11 -6.64 0.45 -11.88
C GLU A 11 -6.47 -0.97 -12.36
N LYS A 12 -5.44 -1.72 -11.95
CA LYS A 12 -5.30 -3.12 -12.34
C LYS A 12 -5.86 -4.07 -11.27
N ASN A 13 -6.96 -4.77 -11.61
CA ASN A 13 -7.54 -5.87 -10.96
C ASN A 13 -8.19 -5.50 -9.59
N TYR A 14 -8.49 -4.17 -9.40
CA TYR A 14 -8.95 -3.56 -8.17
C TYR A 14 -10.17 -4.25 -7.60
N ASP A 15 -11.22 -4.48 -8.41
CA ASP A 15 -12.46 -5.03 -7.91
C ASP A 15 -12.36 -6.40 -7.33
N GLU A 16 -11.68 -7.37 -7.99
CA GLU A 16 -11.32 -8.60 -7.34
C GLU A 16 -10.42 -8.43 -6.08
N PHE A 17 -9.38 -7.61 -6.16
CA PHE A 17 -8.32 -7.60 -5.15
C PHE A 17 -8.83 -6.92 -3.86
N MET A 18 -9.53 -5.77 -3.95
CA MET A 18 -9.98 -5.00 -2.79
C MET A 18 -11.17 -5.63 -2.05
N LYS A 19 -11.97 -6.44 -2.75
CA LYS A 19 -12.87 -7.40 -2.08
C LYS A 19 -12.04 -8.48 -1.29
N LEU A 20 -10.98 -9.02 -1.88
CA LEU A 20 -10.15 -10.09 -1.30
C LEU A 20 -9.24 -9.64 -0.13
N LEU A 21 -8.95 -8.34 -0.02
CA LEU A 21 -8.38 -7.68 1.18
C LEU A 21 -9.24 -7.97 2.44
N GLY A 22 -10.55 -7.88 2.26
CA GLY A 22 -11.55 -7.80 3.29
C GLY A 22 -12.27 -6.47 3.29
N ILE A 23 -12.30 -5.74 2.19
CA ILE A 23 -13.09 -4.54 2.02
C ILE A 23 -14.35 -4.90 1.24
N SER A 24 -15.52 -4.44 1.70
CA SER A 24 -16.80 -4.70 0.97
C SER A 24 -17.07 -3.71 -0.18
N SER A 25 -17.01 -2.42 0.12
CA SER A 25 -17.05 -1.30 -0.83
C SER A 25 -16.40 -0.04 -0.32
N ASP A 26 -16.28 0.10 1.02
CA ASP A 26 -16.04 1.39 1.66
C ASP A 26 -14.79 2.08 1.17
N VAL A 27 -13.67 1.37 0.98
CA VAL A 27 -12.60 2.04 0.28
C VAL A 27 -12.83 1.98 -1.25
N ILE A 28 -13.38 0.80 -1.74
CA ILE A 28 -13.27 0.39 -3.12
C ILE A 28 -14.05 1.36 -4.05
N GLU A 29 -15.21 1.89 -3.61
CA GLU A 29 -16.03 2.83 -4.39
C GLU A 29 -15.43 4.23 -4.47
N LYS A 30 -14.66 4.61 -3.44
CA LYS A 30 -13.98 5.90 -3.35
C LYS A 30 -12.79 5.86 -4.35
N ALA A 31 -12.00 4.80 -4.19
CA ALA A 31 -10.81 4.49 -4.95
C ALA A 31 -11.10 4.32 -6.45
N ARG A 32 -12.16 3.59 -6.84
CA ARG A 32 -12.46 3.43 -8.26
C ARG A 32 -12.87 4.75 -8.92
N ASN A 33 -13.57 5.64 -8.20
CA ASN A 33 -14.09 6.92 -8.74
C ASN A 33 -13.11 8.09 -8.74
N PHE A 34 -12.25 8.21 -7.72
CA PHE A 34 -11.33 9.37 -7.57
C PHE A 34 -9.86 9.10 -7.25
N LYS A 35 -9.54 7.84 -6.96
CA LYS A 35 -8.20 7.29 -6.69
C LYS A 35 -7.59 7.89 -5.37
N ILE A 36 -6.59 7.21 -4.82
CA ILE A 36 -5.95 7.59 -3.54
C ILE A 36 -4.68 8.43 -3.77
N VAL A 37 -4.33 9.27 -2.79
CA VAL A 37 -3.05 10.01 -2.70
C VAL A 37 -2.31 9.75 -1.38
N THR A 38 -0.97 9.67 -1.39
CA THR A 38 -0.19 9.12 -0.26
C THR A 38 1.16 9.82 -0.08
N GLU A 39 1.50 10.04 1.17
CA GLU A 39 2.66 10.58 1.80
C GLU A 39 3.34 9.43 2.46
N VAL A 40 4.65 9.47 2.51
CA VAL A 40 5.43 8.45 3.16
C VAL A 40 6.55 9.15 3.85
N GLN A 41 7.09 8.56 4.91
CA GLN A 41 8.34 8.92 5.56
C GLN A 41 9.05 7.61 5.98
N GLN A 42 10.38 7.58 6.02
CA GLN A 42 11.16 6.45 6.52
C GLN A 42 12.54 6.91 6.99
N ASP A 43 12.84 6.63 8.26
CA ASP A 43 14.11 6.86 8.80
C ASP A 43 14.69 5.45 8.89
N GLY A 44 15.51 5.07 7.90
CA GLY A 44 16.19 3.73 8.03
C GLY A 44 15.29 2.56 7.96
N GLN A 45 15.11 1.96 9.13
CA GLN A 45 14.19 0.85 9.35
C GLN A 45 12.79 1.27 9.80
N ASP A 46 12.58 2.54 10.18
CA ASP A 46 11.33 2.95 10.71
C ASP A 46 10.49 3.70 9.75
N PHE A 47 9.34 3.15 9.34
CA PHE A 47 8.64 3.56 8.15
C PHE A 47 7.28 4.05 8.59
N THR A 48 6.78 5.05 7.84
CA THR A 48 5.46 5.55 7.99
C THR A 48 4.85 5.74 6.65
N TRP A 49 3.63 5.25 6.50
CA TRP A 49 2.76 5.42 5.33
C TRP A 49 1.44 6.09 5.70
N SER A 50 1.10 7.15 4.98
CA SER A 50 -0.10 7.92 5.16
C SER A 50 -0.83 8.21 3.89
N GLN A 51 -1.99 7.60 3.71
CA GLN A 51 -2.78 7.64 2.48
C GLN A 51 -4.05 8.46 2.72
N HIS A 52 -4.71 8.89 1.64
CA HIS A 52 -6.00 9.55 1.68
C HIS A 52 -6.84 9.18 0.46
N TYR A 53 -8.05 8.61 0.67
CA TYR A 53 -9.05 8.66 -0.41
C TYR A 53 -9.63 10.05 -0.65
N SER A 54 -9.15 10.70 -1.75
CA SER A 54 -9.09 12.18 -1.95
C SER A 54 -8.74 13.05 -0.75
N GLY A 55 -9.57 14.04 -0.36
CA GLY A 55 -9.60 14.66 0.98
C GLY A 55 -10.64 14.03 1.92
N GLY A 56 -11.32 12.99 1.41
CA GLY A 56 -12.40 12.22 2.04
C GLY A 56 -12.06 11.59 3.33
N HIS A 57 -10.95 10.83 3.41
CA HIS A 57 -10.52 10.07 4.62
C HIS A 57 -9.01 9.71 4.62
N THR A 58 -8.35 9.67 5.80
CA THR A 58 -6.93 9.39 5.99
C THR A 58 -6.77 7.96 6.49
N MET A 59 -5.78 7.23 5.96
CA MET A 59 -5.37 5.93 6.48
C MET A 59 -3.88 6.00 6.84
N THR A 60 -3.47 5.52 8.03
CA THR A 60 -2.06 5.50 8.44
C THR A 60 -1.55 4.14 8.92
N ASN A 61 -0.40 3.72 8.44
CA ASN A 61 0.21 2.43 8.73
C ASN A 61 1.66 2.70 9.15
N LYS A 62 2.03 2.36 10.40
CA LYS A 62 3.28 2.80 11.08
C LYS A 62 4.03 1.60 11.62
N PHE A 63 5.20 1.21 11.13
CA PHE A 63 5.83 -0.02 11.65
C PHE A 63 7.34 0.01 11.38
N THR A 64 8.05 -0.90 12.05
CA THR A 64 9.50 -1.10 11.80
C THR A 64 9.77 -2.31 10.91
N VAL A 65 10.58 -2.16 9.86
CA VAL A 65 10.90 -3.25 8.93
C VAL A 65 11.72 -4.37 9.57
N GLY A 66 11.37 -5.62 9.30
CA GLY A 66 11.90 -6.79 10.02
C GLY A 66 11.26 -7.04 11.40
N LYS A 67 10.28 -6.22 11.79
CA LYS A 67 9.53 -6.37 13.05
C LYS A 67 8.09 -6.75 12.72
N GLU A 68 7.42 -7.34 13.69
CA GLU A 68 6.11 -7.87 13.58
C GLU A 68 5.16 -7.33 14.64
N SER A 69 3.88 -7.60 14.45
CA SER A 69 2.76 -7.01 15.24
C SER A 69 2.58 -5.49 15.22
N ASN A 70 2.68 -4.83 14.05
CA ASN A 70 2.34 -3.38 13.93
C ASN A 70 1.79 -2.94 12.54
N ILE A 71 1.63 -3.90 11.62
CA ILE A 71 1.24 -3.68 10.23
C ILE A 71 -0.28 -3.45 10.16
N GLN A 72 -0.70 -2.32 9.57
CA GLN A 72 -2.10 -2.03 9.47
C GLN A 72 -2.48 -2.07 8.01
N THR A 73 -3.76 -2.15 7.66
CA THR A 73 -4.22 -2.15 6.26
C THR A 73 -4.80 -0.81 5.77
N MET A 74 -5.36 -0.84 4.54
CA MET A 74 -6.19 0.22 3.95
C MET A 74 -7.46 0.54 4.75
N GLY A 75 -8.21 -0.45 5.24
CA GLY A 75 -9.30 -0.28 6.20
C GLY A 75 -8.75 -0.19 7.59
N GLY A 76 -7.53 -0.68 7.85
CA GLY A 76 -6.91 -0.40 9.19
C GLY A 76 -7.01 -1.56 10.10
N LYS A 77 -7.03 -2.77 9.52
CA LYS A 77 -6.85 -4.07 10.14
C LYS A 77 -5.40 -4.23 10.58
N THR A 78 -5.15 -4.31 11.87
CA THR A 78 -3.84 -4.69 12.38
C THR A 78 -3.65 -6.19 12.16
N PHE A 79 -2.60 -6.60 11.46
CA PHE A 79 -2.20 -8.01 11.39
C PHE A 79 -0.71 -8.30 11.58
N LYS A 80 -0.42 -9.57 11.93
CA LYS A 80 0.93 -10.02 12.24
C LYS A 80 1.60 -10.65 11.03
N ALA A 81 2.58 -9.95 10.45
CA ALA A 81 3.54 -10.53 9.51
C ALA A 81 4.86 -9.78 9.59
N THR A 82 5.92 -10.49 9.22
CA THR A 82 7.23 -9.92 8.85
C THR A 82 7.17 -9.12 7.54
N VAL A 83 7.79 -7.94 7.52
CA VAL A 83 7.92 -7.04 6.41
C VAL A 83 9.43 -7.09 6.15
N GLN A 84 9.83 -7.38 4.92
CA GLN A 84 11.23 -7.54 4.54
C GLN A 84 11.52 -6.70 3.29
N MET A 85 12.81 -6.47 3.05
CA MET A 85 13.29 -5.68 1.92
C MET A 85 14.35 -6.45 1.16
N GLU A 86 14.14 -6.57 -0.14
CA GLU A 86 15.17 -7.02 -1.05
C GLU A 86 15.53 -5.90 -1.98
N GLY A 87 16.76 -5.43 -1.89
CA GLY A 87 17.33 -4.30 -2.67
C GLY A 87 16.69 -3.00 -2.25
N GLY A 88 15.43 -2.74 -2.64
CA GLY A 88 14.72 -1.40 -2.62
C GLY A 88 13.23 -1.52 -2.65
N LYS A 89 12.69 -2.53 -1.98
CA LYS A 89 11.20 -2.87 -2.05
C LYS A 89 10.66 -3.27 -0.67
N LEU A 90 9.37 -3.08 -0.38
CA LEU A 90 8.75 -3.61 0.87
C LEU A 90 7.71 -4.70 0.56
N VAL A 91 7.63 -5.76 1.38
CA VAL A 91 6.87 -6.96 0.99
C VAL A 91 6.38 -7.63 2.27
N VAL A 92 5.13 -8.08 2.29
CA VAL A 92 4.68 -9.07 3.27
C VAL A 92 4.28 -10.34 2.54
N ASN A 93 4.27 -11.41 3.32
CA ASN A 93 3.93 -12.72 2.91
C ASN A 93 3.02 -13.30 3.97
N PHE A 94 1.92 -13.93 3.51
CA PHE A 94 0.97 -14.74 4.28
C PHE A 94 0.58 -15.98 3.45
N PRO A 95 -0.18 -16.96 3.99
CA PRO A 95 -0.63 -18.10 3.18
C PRO A 95 -1.63 -17.72 2.07
N ASN A 96 -2.27 -16.56 2.24
CA ASN A 96 -3.22 -15.97 1.30
C ASN A 96 -2.71 -14.64 0.70
N TYR A 97 -2.34 -13.68 1.55
CA TYR A 97 -1.99 -12.32 1.12
C TYR A 97 -0.49 -12.10 0.81
N HIS A 98 -0.15 -11.25 -0.16
CA HIS A 98 1.23 -10.84 -0.48
C HIS A 98 1.28 -9.38 -0.99
N GLN A 99 2.39 -8.66 -0.81
CA GLN A 99 2.66 -7.35 -1.46
C GLN A 99 4.13 -7.27 -1.92
N THR A 100 4.50 -6.32 -2.78
CA THR A 100 5.81 -5.97 -3.25
C THR A 100 5.74 -4.58 -3.84
N SER A 101 6.79 -3.77 -3.77
CA SER A 101 6.61 -2.30 -3.91
C SER A 101 7.90 -1.52 -4.11
N GLU A 102 8.00 -0.70 -5.17
CA GLU A 102 9.25 0.01 -5.47
C GLU A 102 9.11 1.28 -6.31
N ILE A 103 10.15 2.12 -6.26
CA ILE A 103 10.26 3.36 -7.05
C ILE A 103 11.00 3.03 -8.34
N VAL A 104 10.54 3.54 -9.48
CA VAL A 104 11.38 3.53 -10.71
C VAL A 104 11.38 4.99 -11.19
N GLY A 105 12.56 5.65 -10.99
CA GLY A 105 12.90 7.09 -11.31
C GLY A 105 11.98 8.00 -10.50
N ASP A 106 11.14 8.76 -11.21
CA ASP A 106 10.12 9.64 -10.62
C ASP A 106 8.76 8.99 -10.30
N LYS A 107 8.53 7.74 -10.73
CA LYS A 107 7.23 7.06 -10.71
C LYS A 107 7.27 5.90 -9.71
N LEU A 108 6.15 5.54 -9.10
CA LEU A 108 6.17 4.64 -7.94
C LEU A 108 5.14 3.52 -8.04
N VAL A 109 5.53 2.21 -7.92
CA VAL A 109 4.72 1.11 -8.50
C VAL A 109 4.56 0.01 -7.37
N GLU A 110 3.27 -0.36 -7.09
CA GLU A 110 2.97 -1.36 -6.15
C GLU A 110 2.36 -2.59 -6.94
N VAL A 111 2.79 -3.81 -6.61
CA VAL A 111 2.29 -5.07 -7.21
C VAL A 111 2.12 -6.03 -6.08
N SER A 112 0.98 -6.72 -6.11
CA SER A 112 0.28 -7.20 -4.91
C SER A 112 -0.49 -8.49 -5.27
N THR A 113 -0.55 -9.53 -4.41
CA THR A 113 -1.07 -10.82 -4.83
C THR A 113 -1.92 -11.39 -3.76
N ILE A 114 -3.13 -11.87 -4.07
CA ILE A 114 -3.97 -12.58 -3.10
C ILE A 114 -4.44 -13.90 -3.66
N GLY A 115 -4.03 -15.00 -3.05
CA GLY A 115 -4.47 -16.32 -3.51
C GLY A 115 -4.06 -16.63 -4.95
N GLY A 116 -3.02 -15.94 -5.46
CA GLY A 116 -2.52 -16.13 -6.86
C GLY A 116 -3.05 -15.19 -7.91
N VAL A 117 -3.77 -14.17 -7.48
CA VAL A 117 -4.27 -13.21 -8.43
C VAL A 117 -3.51 -11.92 -8.14
N THR A 118 -2.96 -11.30 -9.18
CA THR A 118 -2.19 -10.04 -9.14
C THR A 118 -3.00 -8.73 -9.15
N TYR A 119 -2.47 -7.68 -8.51
CA TYR A 119 -2.91 -6.29 -8.57
C TYR A 119 -1.72 -5.34 -8.77
N GLU A 120 -1.88 -4.23 -9.51
CA GLU A 120 -0.79 -3.37 -9.83
C GLU A 120 -1.33 -1.90 -9.75
N ARG A 121 -0.46 -0.97 -9.36
CA ARG A 121 -0.76 0.47 -9.32
C ARG A 121 0.49 1.35 -9.39
N VAL A 122 0.30 2.58 -9.84
CA VAL A 122 1.40 3.51 -10.14
C VAL A 122 0.95 4.85 -9.55
N SER A 123 1.93 5.63 -9.09
CA SER A 123 1.77 7.03 -8.69
C SER A 123 2.88 7.97 -9.15
N LYS A 124 2.55 9.27 -9.24
CA LYS A 124 3.50 10.40 -9.38
C LYS A 124 3.74 11.10 -8.03
N ARG A 125 5.00 11.39 -7.71
CA ARG A 125 5.44 12.29 -6.64
C ARG A 125 5.20 13.74 -6.94
N LEU A 126 4.89 14.56 -5.94
CA LEU A 126 4.83 16.01 -6.06
C LEU A 126 5.21 16.73 -4.75
N ALA A 127 5.97 16.08 -3.86
CA ALA A 127 6.63 16.77 -2.72
C ALA A 127 7.72 17.77 -3.28
N ALA A 1 13.74 4.02 0.97
CA ALA A 1 13.82 5.48 0.67
C ALA A 1 12.57 5.92 -0.09
N PHE A 2 11.41 6.06 0.61
CA PHE A 2 10.05 6.09 -0.06
C PHE A 2 9.29 7.31 0.36
N THR A 3 9.91 8.14 1.25
CA THR A 3 9.38 9.39 1.76
C THR A 3 8.88 10.43 0.74
N GLY A 4 7.65 11.01 0.88
CA GLY A 4 7.28 12.18 0.04
C GLY A 4 5.82 12.26 0.03
N LYS A 5 5.27 12.71 -1.12
CA LYS A 5 3.83 12.74 -1.49
C LYS A 5 3.65 12.25 -2.94
N PHE A 6 2.60 11.46 -3.22
CA PHE A 6 2.38 10.64 -4.41
C PHE A 6 0.88 10.75 -4.75
N GLU A 7 0.53 10.80 -6.03
CA GLU A 7 -0.85 10.92 -6.52
C GLU A 7 -1.11 9.86 -7.60
N MET A 8 -2.07 9.00 -7.33
CA MET A 8 -2.42 7.80 -8.13
C MET A 8 -3.61 8.00 -9.06
N GLU A 9 -3.49 7.37 -10.23
CA GLU A 9 -4.45 7.34 -11.34
C GLU A 9 -4.35 5.93 -12.02
N SER A 10 -4.75 4.84 -11.34
CA SER A 10 -4.20 3.58 -11.59
C SER A 10 -4.93 2.42 -10.96
N GLU A 11 -5.89 1.84 -11.71
CA GLU A 11 -6.65 0.74 -11.15
C GLU A 11 -6.85 -0.42 -12.13
N LYS A 12 -6.45 -1.71 -11.80
CA LYS A 12 -6.49 -2.81 -12.72
C LYS A 12 -6.65 -3.99 -11.76
N ASN A 13 -7.65 -4.85 -11.95
CA ASN A 13 -7.98 -6.01 -11.10
C ASN A 13 -8.20 -5.70 -9.60
N TYR A 14 -8.47 -4.43 -9.30
CA TYR A 14 -8.66 -3.81 -8.01
C TYR A 14 -9.81 -4.43 -7.30
N ASP A 15 -10.91 -4.78 -7.98
CA ASP A 15 -12.19 -5.08 -7.28
C ASP A 15 -12.14 -6.47 -6.57
N GLU A 16 -11.61 -7.51 -7.22
CA GLU A 16 -11.34 -8.81 -6.63
C GLU A 16 -10.12 -8.77 -5.65
N PHE A 17 -9.09 -8.04 -6.01
CA PHE A 17 -8.00 -7.83 -5.10
C PHE A 17 -8.39 -7.17 -3.78
N MET A 18 -9.07 -6.03 -3.84
CA MET A 18 -9.47 -5.27 -2.63
C MET A 18 -10.53 -5.98 -1.78
N LYS A 19 -11.50 -6.68 -2.40
CA LYS A 19 -12.40 -7.57 -1.74
C LYS A 19 -11.74 -8.71 -0.99
N LEU A 20 -10.89 -9.49 -1.70
CA LEU A 20 -10.11 -10.51 -1.08
C LEU A 20 -9.14 -10.01 0.05
N LEU A 21 -8.71 -8.76 -0.04
CA LEU A 21 -8.01 -8.09 1.07
C LEU A 21 -8.91 -7.94 2.31
N GLY A 22 -10.24 -7.75 2.16
CA GLY A 22 -11.15 -7.82 3.26
C GLY A 22 -12.07 -6.69 3.28
N ILE A 23 -11.85 -5.69 2.40
CA ILE A 23 -12.72 -4.52 2.20
C ILE A 23 -14.03 -5.01 1.59
N SER A 24 -15.19 -4.45 1.94
CA SER A 24 -16.42 -4.96 1.26
C SER A 24 -16.81 -4.04 0.06
N SER A 25 -16.93 -2.74 0.33
CA SER A 25 -17.02 -1.72 -0.72
C SER A 25 -16.37 -0.40 -0.34
N ASP A 26 -16.26 -0.09 0.97
CA ASP A 26 -15.87 1.26 1.38
C ASP A 26 -14.57 1.81 0.74
N VAL A 27 -13.41 1.20 0.97
CA VAL A 27 -12.16 1.68 0.34
C VAL A 27 -12.14 1.41 -1.17
N ILE A 28 -12.81 0.36 -1.65
CA ILE A 28 -12.89 0.07 -3.11
C ILE A 28 -13.50 1.23 -3.91
N GLU A 29 -14.62 1.75 -3.37
CA GLU A 29 -15.38 2.90 -3.89
C GLU A 29 -14.59 4.17 -4.02
N LYS A 30 -13.80 4.56 -2.98
CA LYS A 30 -12.83 5.70 -3.09
C LYS A 30 -11.86 5.44 -4.29
N ALA A 31 -11.33 4.22 -4.40
CA ALA A 31 -10.34 3.87 -5.43
C ALA A 31 -10.90 4.04 -6.85
N ARG A 32 -12.08 3.46 -7.12
CA ARG A 32 -12.56 3.43 -8.49
C ARG A 32 -13.16 4.74 -9.05
N ASN A 33 -13.32 5.75 -8.13
CA ASN A 33 -13.71 7.08 -8.45
C ASN A 33 -12.50 8.06 -8.36
N PHE A 34 -12.21 8.55 -7.16
CA PHE A 34 -11.33 9.68 -6.93
C PHE A 34 -9.87 9.39 -6.57
N LYS A 35 -9.55 8.14 -6.22
CA LYS A 35 -8.20 7.57 -6.11
C LYS A 35 -7.46 8.29 -4.97
N ILE A 36 -6.93 7.44 -4.07
CA ILE A 36 -5.93 7.92 -3.06
C ILE A 36 -4.70 8.73 -3.53
N VAL A 37 -4.36 9.75 -2.73
CA VAL A 37 -3.07 10.47 -2.80
C VAL A 37 -2.30 10.27 -1.49
N THR A 38 -1.01 9.90 -1.56
CA THR A 38 -0.36 9.31 -0.37
C THR A 38 0.76 10.25 0.04
N GLU A 39 1.04 10.34 1.33
CA GLU A 39 2.31 10.87 1.93
C GLU A 39 3.02 9.79 2.67
N VAL A 40 4.34 9.78 2.62
CA VAL A 40 5.18 8.73 3.23
C VAL A 40 6.24 9.41 4.05
N GLN A 41 6.69 8.77 5.13
CA GLN A 41 7.90 9.17 5.86
C GLN A 41 8.63 7.91 6.34
N GLN A 42 9.79 7.55 5.77
CA GLN A 42 10.47 6.38 6.12
C GLN A 42 11.84 6.76 6.61
N ASP A 43 12.30 6.15 7.72
CA ASP A 43 13.60 6.39 8.37
C ASP A 43 14.44 5.13 8.62
N GLY A 44 15.32 4.71 7.70
CA GLY A 44 15.94 3.44 7.82
C GLY A 44 14.99 2.25 7.87
N GLN A 45 15.00 1.63 9.09
CA GLN A 45 14.12 0.57 9.49
C GLN A 45 12.70 1.02 9.76
N ASP A 46 12.52 2.24 10.29
CA ASP A 46 11.21 2.84 10.60
C ASP A 46 10.40 3.37 9.41
N PHE A 47 9.07 3.33 9.52
CA PHE A 47 8.20 3.60 8.39
C PHE A 47 6.80 4.18 8.71
N THR A 48 6.30 5.08 7.86
CA THR A 48 4.99 5.66 7.86
C THR A 48 4.44 5.66 6.41
N TRP A 49 3.31 5.02 6.09
CA TRP A 49 2.56 5.27 4.85
C TRP A 49 1.18 5.80 5.19
N SER A 50 0.98 7.07 4.94
CA SER A 50 -0.25 7.83 5.33
C SER A 50 -1.06 8.15 4.12
N GLN A 51 -2.39 7.74 4.09
CA GLN A 51 -3.21 7.64 2.96
C GLN A 51 -4.29 8.68 3.16
N HIS A 52 -4.50 9.50 2.12
CA HIS A 52 -5.58 10.47 2.06
C HIS A 52 -6.45 10.28 0.84
N TYR A 53 -7.66 9.70 0.95
CA TYR A 53 -8.58 9.60 -0.21
C TYR A 53 -9.11 10.93 -0.75
N SER A 54 -8.57 11.40 -1.89
CA SER A 54 -8.70 12.72 -2.52
C SER A 54 -8.48 13.90 -1.57
N GLY A 55 -7.65 13.75 -0.52
CA GLY A 55 -7.70 14.77 0.54
C GLY A 55 -8.81 14.82 1.53
N GLY A 56 -9.83 13.96 1.38
CA GLY A 56 -11.09 14.01 2.13
C GLY A 56 -11.04 13.34 3.52
N HIS A 57 -10.15 12.37 3.75
CA HIS A 57 -9.92 11.79 5.08
C HIS A 57 -8.61 11.08 4.99
N THR A 58 -8.12 10.71 6.21
CA THR A 58 -6.81 10.20 6.32
C THR A 58 -6.82 8.95 7.19
N MET A 59 -6.16 7.91 6.72
CA MET A 59 -5.73 6.79 7.55
C MET A 59 -4.23 6.61 7.32
N THR A 60 -3.59 5.88 8.22
CA THR A 60 -2.16 5.92 8.35
C THR A 60 -1.74 4.51 8.69
N ASN A 61 -0.59 4.09 8.21
CA ASN A 61 0.07 2.81 8.49
C ASN A 61 1.49 3.06 8.94
N LYS A 62 1.82 2.67 10.22
CA LYS A 62 3.16 2.88 10.77
C LYS A 62 3.67 1.58 11.40
N PHE A 63 4.89 1.16 10.99
CA PHE A 63 5.57 -0.08 11.32
C PHE A 63 7.09 0.02 11.29
N THR A 64 7.82 -0.91 11.90
CA THR A 64 9.27 -1.12 11.67
C THR A 64 9.52 -2.34 10.81
N VAL A 65 10.30 -2.23 9.74
CA VAL A 65 10.59 -3.32 8.86
C VAL A 65 11.55 -4.32 9.56
N GLY A 66 11.27 -5.60 9.37
CA GLY A 66 11.82 -6.71 10.17
C GLY A 66 11.06 -7.00 11.48
N LYS A 67 9.89 -6.39 11.70
CA LYS A 67 9.09 -6.53 12.94
C LYS A 67 7.67 -7.08 12.68
N GLU A 68 7.13 -7.75 13.70
CA GLU A 68 5.80 -8.37 13.65
C GLU A 68 4.80 -7.59 14.50
N SER A 69 3.56 -7.73 14.04
CA SER A 69 2.34 -7.22 14.74
C SER A 69 2.27 -5.75 15.07
N ASN A 70 2.72 -4.95 14.11
CA ASN A 70 2.74 -3.50 14.18
C ASN A 70 1.92 -2.89 13.03
N ILE A 71 1.48 -3.71 12.07
CA ILE A 71 1.20 -3.31 10.68
C ILE A 71 -0.30 -3.33 10.41
N GLN A 72 -0.82 -2.30 9.73
CA GLN A 72 -2.23 -2.18 9.32
C GLN A 72 -2.44 -2.18 7.82
N THR A 73 -3.66 -2.52 7.42
CA THR A 73 -4.23 -2.38 6.07
C THR A 73 -4.74 -0.95 5.81
N MET A 74 -5.16 -0.66 4.57
CA MET A 74 -5.95 0.51 4.25
C MET A 74 -7.40 0.38 4.69
N GLY A 75 -7.92 -0.82 4.97
CA GLY A 75 -9.16 -0.94 5.62
C GLY A 75 -8.96 -0.78 7.10
N GLY A 76 -7.75 -0.57 7.64
CA GLY A 76 -7.45 -0.25 9.05
C GLY A 76 -7.26 -1.42 10.00
N LYS A 77 -7.23 -2.63 9.47
CA LYS A 77 -6.96 -3.82 10.26
C LYS A 77 -5.51 -4.08 10.57
N THR A 78 -5.18 -4.37 11.84
CA THR A 78 -3.85 -4.88 12.22
C THR A 78 -3.75 -6.39 11.95
N PHE A 79 -2.66 -6.87 11.34
CA PHE A 79 -2.34 -8.25 11.15
C PHE A 79 -0.86 -8.63 11.38
N LYS A 80 -0.56 -9.94 11.57
CA LYS A 80 0.71 -10.35 11.99
C LYS A 80 1.52 -11.05 10.96
N ALA A 81 2.36 -10.31 10.28
CA ALA A 81 3.45 -10.83 9.48
C ALA A 81 4.68 -9.97 9.72
N THR A 82 5.85 -10.47 9.32
CA THR A 82 7.12 -9.73 9.36
C THR A 82 7.42 -9.18 7.97
N VAL A 83 7.32 -7.87 7.81
CA VAL A 83 7.70 -7.14 6.58
C VAL A 83 9.22 -7.17 6.37
N GLN A 84 9.71 -7.18 5.12
CA GLN A 84 11.16 -7.13 4.78
C GLN A 84 11.48 -5.98 3.81
N MET A 85 12.74 -5.51 3.75
CA MET A 85 13.29 -4.77 2.60
C MET A 85 14.13 -5.67 1.71
N GLU A 86 13.87 -5.62 0.39
CA GLU A 86 14.39 -6.50 -0.63
C GLU A 86 15.01 -5.63 -1.76
N GLY A 87 16.11 -4.91 -1.50
CA GLY A 87 16.75 -4.11 -2.53
C GLY A 87 16.46 -2.66 -2.45
N GLY A 88 15.58 -2.31 -1.54
CA GLY A 88 14.82 -1.07 -1.61
C GLY A 88 13.33 -1.35 -1.77
N LYS A 89 12.91 -2.52 -2.29
CA LYS A 89 11.47 -2.86 -2.22
C LYS A 89 10.97 -3.31 -0.85
N LEU A 90 9.68 -3.13 -0.57
CA LEU A 90 9.12 -3.50 0.74
C LEU A 90 8.05 -4.66 0.57
N VAL A 91 8.05 -5.73 1.34
CA VAL A 91 7.36 -7.02 1.00
C VAL A 91 6.59 -7.67 2.09
N VAL A 92 5.40 -8.26 1.86
CA VAL A 92 4.85 -9.19 2.87
C VAL A 92 4.46 -10.48 2.21
N ASN A 93 4.42 -11.54 3.03
CA ASN A 93 4.18 -12.93 2.67
C ASN A 93 3.29 -13.59 3.75
N PHE A 94 2.00 -13.69 3.45
CA PHE A 94 0.97 -14.21 4.25
C PHE A 94 0.48 -15.56 3.56
N PRO A 95 -0.43 -16.31 4.17
CA PRO A 95 -0.67 -17.66 3.64
C PRO A 95 -1.49 -17.67 2.34
N ASN A 96 -2.43 -16.73 2.03
CA ASN A 96 -2.79 -16.48 0.63
C ASN A 96 -2.61 -15.04 0.22
N TYR A 97 -1.75 -14.27 0.88
CA TYR A 97 -1.57 -12.85 0.55
C TYR A 97 -0.13 -12.35 0.48
N HIS A 98 0.23 -11.58 -0.52
CA HIS A 98 1.57 -11.10 -0.74
C HIS A 98 1.51 -9.71 -1.38
N GLN A 99 2.50 -8.88 -1.14
CA GLN A 99 2.87 -7.89 -2.14
C GLN A 99 4.32 -7.51 -2.06
N THR A 100 4.76 -6.75 -3.04
CA THR A 100 6.07 -6.14 -3.16
C THR A 100 5.86 -4.70 -3.63
N SER A 101 6.59 -3.71 -3.12
CA SER A 101 6.37 -2.30 -3.47
C SER A 101 7.65 -1.59 -3.90
N GLU A 102 7.61 -0.70 -4.90
CA GLU A 102 8.84 -0.23 -5.57
C GLU A 102 8.81 1.24 -6.15
N ILE A 103 9.98 1.93 -6.27
CA ILE A 103 10.09 3.29 -6.80
C ILE A 103 10.91 3.31 -8.06
N VAL A 104 10.28 3.67 -9.19
CA VAL A 104 10.98 3.46 -10.52
C VAL A 104 10.96 4.81 -11.22
N GLY A 105 12.15 5.37 -11.38
CA GLY A 105 12.28 6.73 -11.91
C GLY A 105 11.79 7.81 -10.91
N ASP A 106 10.60 8.43 -11.20
CA ASP A 106 9.90 9.35 -10.39
C ASP A 106 8.53 8.86 -9.98
N LYS A 107 8.13 7.73 -10.55
CA LYS A 107 6.83 7.08 -10.43
C LYS A 107 6.94 5.90 -9.46
N LEU A 108 5.81 5.57 -8.87
CA LEU A 108 5.70 4.79 -7.66
C LEU A 108 4.73 3.66 -7.91
N VAL A 109 5.21 2.42 -7.85
CA VAL A 109 4.63 1.31 -8.48
C VAL A 109 4.60 0.12 -7.48
N GLU A 110 3.56 -0.70 -7.53
CA GLU A 110 3.45 -1.90 -6.71
C GLU A 110 3.04 -3.12 -7.53
N VAL A 111 3.28 -4.31 -6.98
CA VAL A 111 2.78 -5.56 -7.52
C VAL A 111 2.38 -6.48 -6.37
N SER A 112 1.08 -6.53 -6.07
CA SER A 112 0.57 -7.33 -5.03
C SER A 112 -0.01 -8.61 -5.60
N THR A 113 -0.40 -9.55 -4.75
CA THR A 113 -0.95 -10.86 -5.05
C THR A 113 -1.87 -11.35 -3.94
N ILE A 114 -3.08 -11.81 -4.22
CA ILE A 114 -3.98 -12.48 -3.25
C ILE A 114 -4.45 -13.78 -3.89
N GLY A 115 -4.32 -14.95 -3.23
CA GLY A 115 -4.89 -16.14 -3.92
C GLY A 115 -4.39 -16.54 -5.26
N GLY A 116 -3.17 -16.04 -5.68
CA GLY A 116 -2.63 -16.16 -6.98
C GLY A 116 -3.19 -15.18 -8.03
N VAL A 117 -3.75 -14.05 -7.59
CA VAL A 117 -4.26 -13.07 -8.51
C VAL A 117 -3.55 -11.71 -8.29
N THR A 118 -3.09 -11.08 -9.38
CA THR A 118 -2.30 -9.84 -9.38
C THR A 118 -3.08 -8.53 -9.28
N TYR A 119 -2.50 -7.56 -8.59
CA TYR A 119 -2.87 -6.14 -8.56
C TYR A 119 -1.60 -5.29 -8.69
N GLU A 120 -1.51 -4.20 -9.46
CA GLU A 120 -0.16 -3.69 -9.87
C GLU A 120 -0.11 -2.20 -10.28
N ARG A 121 -0.21 -1.25 -9.33
CA ARG A 121 -0.72 0.11 -9.60
C ARG A 121 0.33 1.22 -9.46
N VAL A 122 0.11 2.36 -10.14
CA VAL A 122 1.12 3.46 -10.40
C VAL A 122 0.72 4.85 -9.86
N SER A 123 1.71 5.60 -9.46
CA SER A 123 1.47 6.91 -8.93
C SER A 123 2.64 7.78 -9.14
N LYS A 124 2.38 9.04 -8.88
CA LYS A 124 3.34 10.10 -9.27
C LYS A 124 3.69 10.97 -8.07
N ARG A 125 4.99 11.02 -7.78
CA ARG A 125 5.60 11.86 -6.74
C ARG A 125 5.55 13.33 -7.13
N LEU A 126 5.53 14.19 -6.12
CA LEU A 126 5.73 15.64 -6.27
C LEU A 126 6.18 16.35 -4.97
N ALA A 127 6.68 15.61 -3.97
CA ALA A 127 7.36 16.27 -2.82
C ALA A 127 8.89 16.37 -3.15
N ALA A 1 14.84 5.48 0.81
CA ALA A 1 13.64 6.11 1.50
C ALA A 1 12.66 6.52 0.48
N PHE A 2 11.39 6.21 0.72
CA PHE A 2 10.28 6.52 -0.18
C PHE A 2 9.47 7.77 0.24
N THR A 3 9.91 8.51 1.27
CA THR A 3 9.37 9.80 1.68
C THR A 3 8.75 10.70 0.56
N GLY A 4 7.67 11.45 0.92
CA GLY A 4 7.09 12.45 0.09
C GLY A 4 5.63 12.31 -0.02
N LYS A 5 5.07 12.95 -1.04
CA LYS A 5 3.64 13.03 -1.37
C LYS A 5 3.42 12.38 -2.74
N PHE A 6 2.44 11.50 -2.83
CA PHE A 6 2.18 10.62 -3.97
C PHE A 6 0.70 10.66 -4.31
N GLU A 7 0.39 10.54 -5.60
CA GLU A 7 -0.98 10.51 -6.11
C GLU A 7 -1.16 9.33 -7.03
N MET A 8 -1.99 8.36 -6.62
CA MET A 8 -2.28 7.17 -7.40
C MET A 8 -3.16 7.54 -8.57
N GLU A 9 -2.76 7.14 -9.78
CA GLU A 9 -3.44 7.60 -11.00
C GLU A 9 -4.05 6.44 -11.82
N SER A 10 -4.06 5.19 -11.34
CA SER A 10 -4.27 4.03 -12.24
C SER A 10 -4.84 2.77 -11.58
N GLU A 11 -5.84 2.15 -12.21
CA GLU A 11 -6.47 0.87 -11.81
C GLU A 11 -5.91 -0.36 -12.57
N LYS A 12 -5.79 -1.51 -11.89
CA LYS A 12 -5.85 -2.85 -12.51
C LYS A 12 -6.13 -3.96 -11.48
N ASN A 13 -7.19 -4.72 -11.77
CA ASN A 13 -7.78 -5.78 -10.94
C ASN A 13 -8.46 -5.31 -9.63
N TYR A 14 -8.49 -4.00 -9.34
CA TYR A 14 -8.71 -3.44 -7.99
C TYR A 14 -10.05 -3.92 -7.36
N ASP A 15 -11.07 -4.20 -8.18
CA ASP A 15 -12.41 -4.41 -7.82
C ASP A 15 -12.43 -5.74 -7.07
N GLU A 16 -12.09 -6.86 -7.73
CA GLU A 16 -11.93 -8.13 -7.18
C GLU A 16 -10.80 -8.17 -6.12
N PHE A 17 -9.75 -7.37 -6.30
CA PHE A 17 -8.57 -7.40 -5.47
C PHE A 17 -8.83 -6.78 -4.09
N MET A 18 -9.35 -5.55 -3.95
CA MET A 18 -9.64 -5.05 -2.58
C MET A 18 -10.73 -5.82 -1.76
N LYS A 19 -11.80 -6.39 -2.41
CA LYS A 19 -12.61 -7.48 -1.77
C LYS A 19 -11.88 -8.70 -1.25
N LEU A 20 -10.96 -9.24 -2.04
CA LEU A 20 -10.08 -10.35 -1.64
C LEU A 20 -9.03 -9.93 -0.58
N LEU A 21 -8.68 -8.65 -0.48
CA LEU A 21 -7.85 -8.11 0.60
C LEU A 21 -8.56 -8.14 1.95
N GLY A 22 -9.82 -7.68 2.04
CA GLY A 22 -10.50 -7.59 3.34
C GLY A 22 -11.33 -6.35 3.45
N ILE A 23 -11.48 -5.55 2.37
CA ILE A 23 -12.32 -4.32 2.43
C ILE A 23 -13.54 -4.53 1.55
N SER A 24 -14.73 -4.43 2.16
CA SER A 24 -15.99 -4.74 1.50
C SER A 24 -16.46 -3.60 0.57
N SER A 25 -16.52 -2.35 1.08
CA SER A 25 -16.93 -1.28 0.22
C SER A 25 -16.25 0.04 0.52
N ASP A 26 -15.92 0.37 1.79
CA ASP A 26 -15.54 1.75 2.12
C ASP A 26 -14.32 2.35 1.39
N VAL A 27 -13.23 1.59 1.16
CA VAL A 27 -12.18 2.10 0.26
C VAL A 27 -12.51 1.90 -1.23
N ILE A 28 -13.35 0.91 -1.60
CA ILE A 28 -13.57 0.50 -3.00
C ILE A 28 -14.33 1.58 -3.78
N GLU A 29 -15.39 2.10 -3.16
CA GLU A 29 -16.23 3.16 -3.65
C GLU A 29 -15.42 4.40 -3.85
N LYS A 30 -14.39 4.61 -3.05
CA LYS A 30 -13.49 5.77 -3.09
C LYS A 30 -12.40 5.60 -4.16
N ALA A 31 -11.77 4.43 -4.23
CA ALA A 31 -10.73 4.14 -5.24
C ALA A 31 -11.18 4.15 -6.64
N ARG A 32 -12.41 3.63 -6.85
CA ARG A 32 -13.08 3.62 -8.16
C ARG A 32 -13.56 4.99 -8.60
N ASN A 33 -14.00 5.86 -7.68
CA ASN A 33 -14.44 7.21 -8.05
C ASN A 33 -13.29 8.20 -8.28
N PHE A 34 -12.24 8.25 -7.45
CA PHE A 34 -11.26 9.35 -7.57
C PHE A 34 -9.77 9.00 -7.39
N LYS A 35 -9.47 7.76 -6.96
CA LYS A 35 -8.14 7.23 -6.62
C LYS A 35 -7.44 7.81 -5.37
N ILE A 36 -6.91 6.93 -4.51
CA ILE A 36 -6.34 7.31 -3.20
C ILE A 36 -4.99 8.05 -3.34
N VAL A 37 -4.64 8.92 -2.38
CA VAL A 37 -3.36 9.67 -2.35
C VAL A 37 -2.60 9.48 -1.04
N THR A 38 -1.27 9.48 -1.05
CA THR A 38 -0.46 9.03 0.09
C THR A 38 0.77 9.91 0.42
N GLU A 39 0.97 10.10 1.69
CA GLU A 39 2.10 10.79 2.33
C GLU A 39 2.98 9.86 3.13
N VAL A 40 4.28 9.96 2.92
CA VAL A 40 5.25 9.01 3.40
C VAL A 40 6.26 9.77 4.20
N GLN A 41 6.74 9.17 5.28
CA GLN A 41 8.00 9.66 5.89
C GLN A 41 8.69 8.46 6.38
N GLN A 42 10.00 8.33 6.14
CA GLN A 42 10.77 7.13 6.50
C GLN A 42 12.18 7.50 6.94
N ASP A 43 12.67 6.84 7.98
CA ASP A 43 14.07 6.91 8.39
C ASP A 43 14.60 5.54 8.81
N GLY A 44 15.64 5.06 8.11
CA GLY A 44 16.23 3.74 8.36
C GLY A 44 15.24 2.58 8.35
N GLN A 45 15.09 1.93 9.51
CA GLN A 45 14.25 0.74 9.76
C GLN A 45 12.90 1.24 10.30
N ASP A 46 12.59 2.53 10.46
CA ASP A 46 11.28 3.08 10.89
C ASP A 46 10.43 3.71 9.77
N PHE A 47 9.15 3.33 9.70
CA PHE A 47 8.27 3.67 8.63
C PHE A 47 7.02 4.26 9.04
N THR A 48 6.53 5.10 8.10
CA THR A 48 5.16 5.58 8.16
C THR A 48 4.68 5.73 6.70
N TRP A 49 3.51 5.20 6.41
CA TRP A 49 2.75 5.45 5.18
C TRP A 49 1.38 6.01 5.61
N SER A 50 0.89 7.12 5.08
CA SER A 50 -0.37 7.66 5.53
C SER A 50 -1.22 7.98 4.27
N GLN A 51 -2.30 7.21 4.05
CA GLN A 51 -3.28 7.46 3.06
C GLN A 51 -4.24 8.53 3.36
N HIS A 52 -4.73 9.15 2.29
CA HIS A 52 -5.79 10.17 2.29
C HIS A 52 -6.73 9.86 1.12
N TYR A 53 -8.01 9.63 1.41
CA TYR A 53 -9.11 9.45 0.45
C TYR A 53 -9.44 10.65 -0.46
N SER A 54 -8.55 11.07 -1.37
CA SER A 54 -8.47 12.42 -2.00
C SER A 54 -8.30 13.60 -1.02
N GLY A 55 -8.06 13.29 0.26
CA GLY A 55 -8.17 14.30 1.32
C GLY A 55 -9.48 14.23 2.12
N GLY A 56 -10.45 13.32 1.82
CA GLY A 56 -11.68 13.28 2.55
C GLY A 56 -11.55 12.49 3.81
N HIS A 57 -10.54 11.65 4.04
CA HIS A 57 -10.57 10.70 5.16
C HIS A 57 -9.19 10.12 5.24
N THR A 58 -8.51 10.22 6.38
CA THR A 58 -7.11 9.75 6.53
C THR A 58 -7.09 8.30 7.02
N MET A 59 -6.04 7.55 6.68
CA MET A 59 -5.70 6.20 7.17
C MET A 59 -4.14 6.25 7.33
N THR A 60 -3.59 5.40 8.20
CA THR A 60 -2.29 5.58 8.76
C THR A 60 -1.72 4.14 8.90
N ASN A 61 -0.63 3.85 8.20
CA ASN A 61 0.07 2.57 8.18
C ASN A 61 1.53 2.76 8.64
N LYS A 62 1.76 2.79 9.96
CA LYS A 62 3.13 2.95 10.53
C LYS A 62 3.62 1.68 11.19
N PHE A 63 4.88 1.30 10.96
CA PHE A 63 5.41 -0.03 11.28
C PHE A 63 6.95 0.05 11.27
N THR A 64 7.60 -1.04 11.68
CA THR A 64 9.01 -1.25 11.61
C THR A 64 9.27 -2.38 10.61
N VAL A 65 10.19 -2.16 9.66
CA VAL A 65 10.60 -3.21 8.72
C VAL A 65 11.37 -4.31 9.44
N GLY A 66 11.18 -5.59 9.13
CA GLY A 66 11.90 -6.71 9.80
C GLY A 66 11.40 -7.07 11.21
N LYS A 67 10.21 -6.58 11.55
CA LYS A 67 9.48 -6.77 12.77
C LYS A 67 8.10 -7.26 12.39
N GLU A 68 7.32 -7.80 13.34
CA GLU A 68 5.90 -8.28 13.21
C GLU A 68 4.85 -7.34 13.89
N SER A 69 3.51 -7.53 13.63
CA SER A 69 2.40 -7.07 14.42
C SER A 69 2.28 -5.55 14.57
N ASN A 70 2.89 -4.78 13.68
CA ASN A 70 2.80 -3.33 13.64
C ASN A 70 2.21 -2.86 12.30
N ILE A 71 1.82 -3.77 11.41
CA ILE A 71 1.29 -3.44 10.08
C ILE A 71 -0.20 -3.11 10.20
N GLN A 72 -0.64 -2.03 9.54
CA GLN A 72 -2.05 -1.73 9.36
C GLN A 72 -2.32 -1.61 7.88
N THR A 73 -3.55 -1.73 7.42
CA THR A 73 -3.76 -1.97 5.99
C THR A 73 -4.33 -0.78 5.22
N MET A 74 -4.52 -0.98 3.91
CA MET A 74 -5.36 -0.19 3.00
C MET A 74 -6.86 -0.20 3.33
N GLY A 75 -7.29 -0.78 4.46
CA GLY A 75 -8.56 -0.50 5.09
C GLY A 75 -8.45 -0.16 6.59
N GLY A 76 -7.22 -0.13 7.10
CA GLY A 76 -7.04 0.13 8.51
C GLY A 76 -7.20 -1.01 9.49
N LYS A 77 -7.21 -2.24 9.01
CA LYS A 77 -7.09 -3.42 9.89
C LYS A 77 -5.67 -3.65 10.25
N THR A 78 -5.38 -3.92 11.52
CA THR A 78 -4.01 -4.27 11.98
C THR A 78 -3.72 -5.76 11.91
N PHE A 79 -2.63 -6.24 11.31
CA PHE A 79 -2.33 -7.69 11.26
C PHE A 79 -0.86 -8.09 11.40
N LYS A 80 -0.58 -9.39 11.61
CA LYS A 80 0.82 -9.85 11.79
C LYS A 80 1.44 -10.40 10.51
N ALA A 81 2.49 -9.77 9.99
CA ALA A 81 3.49 -10.45 9.16
C ALA A 81 4.83 -9.73 9.33
N THR A 82 5.90 -10.34 8.85
CA THR A 82 7.28 -9.80 8.92
C THR A 82 7.56 -9.10 7.67
N VAL A 83 7.76 -7.80 7.76
CA VAL A 83 8.06 -6.99 6.58
C VAL A 83 9.50 -7.21 6.11
N GLN A 84 9.69 -7.72 4.90
CA GLN A 84 11.02 -7.90 4.32
C GLN A 84 11.40 -6.70 3.43
N MET A 85 12.67 -6.30 3.48
CA MET A 85 13.29 -5.29 2.58
C MET A 85 14.19 -6.06 1.60
N GLU A 86 13.81 -6.01 0.30
CA GLU A 86 14.48 -6.81 -0.68
C GLU A 86 15.02 -5.90 -1.78
N GLY A 87 16.16 -5.23 -1.52
CA GLY A 87 16.82 -4.37 -2.51
C GLY A 87 16.17 -2.97 -2.76
N GLY A 88 15.56 -2.44 -1.70
CA GLY A 88 14.79 -1.21 -1.76
C GLY A 88 13.36 -1.26 -2.20
N LYS A 89 12.68 -2.36 -1.82
CA LYS A 89 11.28 -2.64 -2.05
C LYS A 89 10.79 -3.50 -0.95
N LEU A 90 9.54 -3.35 -0.53
CA LEU A 90 9.08 -3.98 0.71
C LEU A 90 7.89 -4.92 0.49
N VAL A 91 7.86 -6.03 1.25
CA VAL A 91 7.10 -7.24 0.90
C VAL A 91 6.70 -7.94 2.20
N VAL A 92 5.53 -8.57 2.18
CA VAL A 92 4.98 -9.43 3.25
C VAL A 92 4.43 -10.70 2.61
N ASN A 93 4.14 -11.70 3.44
CA ASN A 93 3.71 -13.02 3.07
C ASN A 93 2.71 -13.50 4.10
N PHE A 94 1.58 -13.98 3.64
CA PHE A 94 0.47 -14.52 4.42
C PHE A 94 -0.04 -15.74 3.67
N PRO A 95 -0.78 -16.67 4.31
CA PRO A 95 -1.30 -17.80 3.57
C PRO A 95 -2.11 -17.38 2.39
N ASN A 96 -2.84 -16.26 2.47
CA ASN A 96 -3.64 -15.77 1.35
C ASN A 96 -2.97 -14.62 0.55
N TYR A 97 -1.97 -13.94 1.11
CA TYR A 97 -1.63 -12.62 0.64
C TYR A 97 -0.13 -12.30 0.56
N HIS A 98 0.29 -11.56 -0.47
CA HIS A 98 1.69 -11.22 -0.75
C HIS A 98 1.78 -9.83 -1.40
N GLN A 99 2.87 -9.09 -1.17
CA GLN A 99 3.07 -7.70 -1.61
C GLN A 99 4.47 -7.60 -2.18
N THR A 100 4.85 -6.59 -2.96
CA THR A 100 6.23 -6.20 -3.25
C THR A 100 6.08 -4.83 -3.90
N SER A 101 6.63 -3.78 -3.32
CA SER A 101 6.34 -2.42 -3.82
C SER A 101 7.55 -1.47 -3.80
N GLU A 102 7.72 -0.74 -4.90
CA GLU A 102 8.97 -0.24 -5.44
C GLU A 102 9.00 1.14 -6.06
N ILE A 103 10.20 1.59 -6.33
CA ILE A 103 10.50 2.85 -6.89
C ILE A 103 10.98 2.62 -8.31
N VAL A 104 10.33 3.26 -9.31
CA VAL A 104 10.70 3.19 -10.70
C VAL A 104 11.00 4.61 -11.22
N GLY A 105 12.24 5.07 -11.28
CA GLY A 105 12.66 6.44 -11.48
C GLY A 105 11.90 7.48 -10.60
N ASP A 106 10.97 8.31 -11.14
CA ASP A 106 10.21 9.24 -10.26
C ASP A 106 8.79 8.74 -9.91
N LYS A 107 8.39 7.54 -10.41
CA LYS A 107 7.08 7.04 -10.26
C LYS A 107 7.23 5.83 -9.33
N LEU A 108 6.18 5.49 -8.63
CA LEU A 108 6.16 4.45 -7.61
C LEU A 108 5.28 3.32 -8.13
N VAL A 109 5.71 2.06 -7.99
CA VAL A 109 5.06 0.92 -8.70
C VAL A 109 4.83 -0.08 -7.66
N GLU A 110 3.60 -0.53 -7.44
CA GLU A 110 3.31 -1.70 -6.58
C GLU A 110 3.11 -2.96 -7.41
N VAL A 111 3.50 -4.13 -6.87
CA VAL A 111 3.06 -5.44 -7.42
C VAL A 111 2.59 -6.39 -6.26
N SER A 112 1.30 -6.67 -6.21
CA SER A 112 0.60 -7.21 -5.04
C SER A 112 -0.16 -8.46 -5.47
N THR A 113 -0.29 -9.52 -4.66
CA THR A 113 -0.90 -10.79 -5.10
C THR A 113 -1.71 -11.46 -4.03
N ILE A 114 -2.97 -11.82 -4.29
CA ILE A 114 -3.84 -12.52 -3.32
C ILE A 114 -4.24 -13.85 -3.93
N GLY A 115 -4.08 -14.97 -3.22
CA GLY A 115 -4.74 -16.23 -3.62
C GLY A 115 -4.37 -16.77 -5.02
N GLY A 116 -3.18 -16.40 -5.48
CA GLY A 116 -2.64 -16.42 -6.82
C GLY A 116 -3.03 -15.48 -7.86
N VAL A 117 -3.88 -14.50 -7.59
CA VAL A 117 -4.29 -13.43 -8.54
C VAL A 117 -3.57 -12.12 -8.26
N THR A 118 -3.11 -11.40 -9.29
CA THR A 118 -2.15 -10.27 -9.15
C THR A 118 -2.75 -8.88 -9.36
N TYR A 119 -2.14 -7.86 -8.75
CA TYR A 119 -2.46 -6.44 -8.92
C TYR A 119 -1.19 -5.63 -9.15
N GLU A 120 -1.11 -4.74 -10.14
CA GLU A 120 0.21 -4.08 -10.34
C GLU A 120 -0.07 -2.72 -10.95
N ARG A 121 0.35 -1.62 -10.26
CA ARG A 121 -0.14 -0.29 -10.58
C ARG A 121 0.81 0.77 -10.11
N VAL A 122 0.69 1.91 -10.78
CA VAL A 122 1.67 3.02 -10.81
C VAL A 122 1.13 4.29 -10.15
N SER A 123 1.96 5.04 -9.41
CA SER A 123 1.61 6.27 -8.77
C SER A 123 2.72 7.27 -9.02
N LYS A 124 2.33 8.55 -9.19
CA LYS A 124 3.25 9.69 -9.41
C LYS A 124 3.73 10.29 -8.08
N ARG A 125 4.97 10.82 -8.04
CA ARG A 125 5.47 11.61 -6.89
C ARG A 125 5.47 13.08 -7.28
N LEU A 126 5.15 13.98 -6.34
CA LEU A 126 5.07 15.42 -6.61
C LEU A 126 5.24 16.33 -5.37
N ALA A 127 5.93 15.85 -4.32
CA ALA A 127 6.33 16.72 -3.19
C ALA A 127 7.27 17.86 -3.64
N ALA A 1 14.92 5.84 0.83
CA ALA A 1 13.81 6.21 1.76
C ALA A 1 12.73 6.66 0.75
N PHE A 2 11.49 6.19 0.91
CA PHE A 2 10.39 6.49 -0.03
C PHE A 2 9.68 7.85 0.14
N THR A 3 10.07 8.60 1.17
CA THR A 3 9.63 10.00 1.53
C THR A 3 9.09 10.88 0.36
N GLY A 4 8.00 11.68 0.56
CA GLY A 4 7.52 12.62 -0.48
C GLY A 4 6.02 12.49 -0.59
N LYS A 5 5.29 13.18 -1.50
CA LYS A 5 3.84 13.01 -1.60
C LYS A 5 3.50 12.62 -3.04
N PHE A 6 2.67 11.59 -3.19
CA PHE A 6 2.50 10.87 -4.44
C PHE A 6 1.02 10.75 -4.78
N GLU A 7 0.66 10.97 -6.04
CA GLU A 7 -0.72 10.72 -6.49
C GLU A 7 -0.72 9.55 -7.46
N MET A 8 -1.60 8.60 -7.15
CA MET A 8 -1.79 7.45 -8.09
C MET A 8 -2.73 7.70 -9.23
N GLU A 9 -2.48 7.11 -10.44
CA GLU A 9 -3.54 6.79 -11.41
C GLU A 9 -3.38 5.35 -11.85
N SER A 10 -4.21 4.41 -11.37
CA SER A 10 -4.12 2.97 -11.70
C SER A 10 -5.35 2.18 -11.26
N GLU A 11 -6.21 1.81 -12.20
CA GLU A 11 -7.21 0.77 -12.03
C GLU A 11 -6.58 -0.46 -12.78
N LYS A 12 -6.46 -1.60 -12.08
CA LYS A 12 -5.97 -2.86 -12.62
C LYS A 12 -6.45 -4.06 -11.77
N ASN A 13 -7.72 -4.46 -11.88
CA ASN A 13 -8.29 -5.59 -11.10
C ASN A 13 -8.38 -5.34 -9.56
N TYR A 14 -8.49 -4.07 -9.16
CA TYR A 14 -8.61 -3.59 -7.82
C TYR A 14 -9.85 -4.13 -7.21
N ASP A 15 -10.92 -4.25 -8.00
CA ASP A 15 -12.28 -4.53 -7.54
C ASP A 15 -12.44 -5.90 -6.88
N GLU A 16 -11.75 -6.90 -7.46
CA GLU A 16 -11.59 -8.27 -6.84
C GLU A 16 -10.61 -8.21 -5.77
N PHE A 17 -9.57 -7.38 -5.91
CA PHE A 17 -8.42 -7.45 -5.02
C PHE A 17 -8.86 -6.96 -3.64
N MET A 18 -9.48 -5.78 -3.57
CA MET A 18 -9.83 -5.12 -2.32
C MET A 18 -10.97 -5.83 -1.57
N LYS A 19 -11.88 -6.48 -2.32
CA LYS A 19 -12.92 -7.41 -1.83
C LYS A 19 -12.37 -8.62 -1.08
N LEU A 20 -11.33 -9.22 -1.64
CA LEU A 20 -10.78 -10.43 -1.17
C LEU A 20 -9.72 -10.11 -0.03
N LEU A 21 -9.31 -8.86 0.16
CA LEU A 21 -8.39 -8.47 1.23
C LEU A 21 -9.11 -7.88 2.48
N GLY A 22 -10.42 -7.68 2.37
CA GLY A 22 -11.39 -7.57 3.46
C GLY A 22 -12.09 -6.23 3.59
N ILE A 23 -11.96 -5.29 2.62
CA ILE A 23 -12.88 -4.22 2.58
C ILE A 23 -14.23 -4.73 2.03
N SER A 24 -15.39 -4.19 2.36
CA SER A 24 -16.60 -4.42 1.50
C SER A 24 -16.89 -3.31 0.52
N SER A 25 -16.93 -2.03 0.98
CA SER A 25 -17.11 -0.90 0.07
C SER A 25 -16.07 0.22 0.40
N ASP A 26 -15.67 0.44 1.66
CA ASP A 26 -14.97 1.65 2.15
C ASP A 26 -13.97 2.24 1.12
N VAL A 27 -12.78 1.66 0.89
CA VAL A 27 -11.79 2.16 -0.08
C VAL A 27 -12.09 1.78 -1.53
N ILE A 28 -12.90 0.76 -1.79
CA ILE A 28 -13.26 0.32 -3.16
C ILE A 28 -14.16 1.33 -3.90
N GLU A 29 -15.16 1.88 -3.21
CA GLU A 29 -16.09 2.84 -3.78
C GLU A 29 -15.51 4.24 -3.90
N LYS A 30 -14.55 4.59 -3.03
CA LYS A 30 -13.77 5.82 -3.10
C LYS A 30 -12.67 5.74 -4.15
N ALA A 31 -11.99 4.60 -4.28
CA ALA A 31 -10.95 4.42 -5.22
C ALA A 31 -11.43 4.15 -6.66
N ARG A 32 -12.58 3.51 -6.88
CA ARG A 32 -13.10 3.30 -8.25
C ARG A 32 -13.60 4.58 -8.94
N ASN A 33 -14.00 5.59 -8.15
CA ASN A 33 -14.25 6.90 -8.68
C ASN A 33 -13.11 7.74 -8.99
N PHE A 34 -12.19 7.92 -8.05
CA PHE A 34 -11.24 9.02 -8.15
C PHE A 34 -9.84 8.46 -8.43
N LYS A 35 -9.15 8.20 -7.32
CA LYS A 35 -7.83 7.63 -7.08
C LYS A 35 -7.59 7.86 -5.59
N ILE A 36 -6.47 7.37 -5.07
CA ILE A 36 -6.04 7.61 -3.69
C ILE A 36 -4.64 8.26 -3.73
N VAL A 37 -4.29 9.03 -2.70
CA VAL A 37 -3.03 9.80 -2.62
C VAL A 37 -2.28 9.54 -1.31
N THR A 38 -0.94 9.57 -1.34
CA THR A 38 -0.08 9.18 -0.21
C THR A 38 1.03 10.15 0.10
N GLU A 39 1.34 10.29 1.38
CA GLU A 39 2.41 11.05 1.96
C GLU A 39 3.36 10.06 2.67
N VAL A 40 4.67 10.22 2.53
CA VAL A 40 5.59 9.28 3.13
C VAL A 40 6.64 10.00 3.96
N GLN A 41 6.96 9.40 5.12
CA GLN A 41 8.11 9.80 5.90
C GLN A 41 8.72 8.45 6.45
N GLN A 42 10.04 8.32 6.40
CA GLN A 42 10.69 7.14 6.80
C GLN A 42 11.99 7.53 7.44
N ASP A 43 12.60 6.71 8.29
CA ASP A 43 14.05 6.73 8.47
C ASP A 43 14.48 5.39 9.08
N GLY A 44 15.62 4.86 8.63
CA GLY A 44 16.11 3.56 9.07
C GLY A 44 15.08 2.43 8.92
N GLN A 45 14.70 1.84 10.07
CA GLN A 45 13.87 0.67 10.30
C GLN A 45 12.43 1.18 10.49
N ASP A 46 12.15 2.48 10.68
CA ASP A 46 10.82 3.03 10.98
C ASP A 46 10.08 3.75 9.84
N PHE A 47 8.82 3.37 9.63
CA PHE A 47 8.07 3.65 8.41
C PHE A 47 6.71 4.30 8.66
N THR A 48 6.45 5.47 8.05
CA THR A 48 5.10 6.04 7.92
C THR A 48 4.67 6.06 6.45
N TRP A 49 3.64 5.27 6.19
CA TRP A 49 2.83 5.21 4.99
C TRP A 49 1.46 5.80 5.32
N SER A 50 1.18 7.06 5.00
CA SER A 50 -0.09 7.69 5.25
C SER A 50 -0.84 8.07 3.99
N GLN A 51 -2.08 7.64 3.83
CA GLN A 51 -2.88 7.72 2.64
C GLN A 51 -4.19 8.47 2.84
N HIS A 52 -4.73 9.09 1.80
CA HIS A 52 -6.01 9.83 1.86
C HIS A 52 -6.93 9.42 0.72
N TYR A 53 -8.22 9.22 1.02
CA TYR A 53 -9.26 9.23 -0.01
C TYR A 53 -9.40 10.69 -0.48
N SER A 54 -9.44 10.91 -1.78
CA SER A 54 -9.87 12.16 -2.36
C SER A 54 -11.35 12.46 -2.16
N GLY A 55 -11.53 13.32 -1.18
CA GLY A 55 -12.81 13.52 -0.55
C GLY A 55 -12.94 13.56 0.90
N GLY A 56 -11.84 13.26 1.61
CA GLY A 56 -11.68 13.53 3.05
C GLY A 56 -11.87 12.30 3.94
N HIS A 57 -10.78 11.59 4.23
CA HIS A 57 -10.60 10.51 5.19
C HIS A 57 -9.25 9.87 5.03
N THR A 58 -8.71 9.49 6.18
CA THR A 58 -7.23 9.15 6.18
C THR A 58 -7.02 7.73 6.65
N MET A 59 -6.11 7.05 6.00
CA MET A 59 -5.77 5.69 6.38
C MET A 59 -4.28 5.76 6.67
N THR A 60 -3.85 5.71 7.93
CA THR A 60 -2.41 5.70 8.28
C THR A 60 -1.85 4.33 8.63
N ASN A 61 -0.69 4.01 8.08
CA ASN A 61 -0.06 2.71 8.19
C ASN A 61 1.38 2.95 8.68
N LYS A 62 1.57 2.81 10.00
CA LYS A 62 2.92 2.76 10.56
C LYS A 62 3.41 1.32 10.53
N PHE A 63 4.72 1.13 10.43
CA PHE A 63 5.40 -0.13 10.69
C PHE A 63 6.89 0.11 11.00
N THR A 64 7.55 -0.95 11.44
CA THR A 64 8.95 -0.97 11.65
C THR A 64 9.38 -2.16 10.80
N VAL A 65 10.05 -1.87 9.69
CA VAL A 65 10.45 -2.94 8.77
C VAL A 65 11.32 -3.97 9.47
N GLY A 66 11.11 -5.23 9.12
CA GLY A 66 11.81 -6.31 9.76
C GLY A 66 11.05 -6.88 10.95
N LYS A 67 9.95 -6.23 11.33
CA LYS A 67 9.31 -6.47 12.58
C LYS A 67 7.84 -6.85 12.34
N GLU A 68 7.43 -7.92 13.04
CA GLU A 68 6.12 -8.40 13.17
C GLU A 68 5.20 -7.59 14.09
N SER A 69 3.90 -7.77 13.85
CA SER A 69 2.76 -7.41 14.69
C SER A 69 2.46 -5.92 14.87
N ASN A 70 3.01 -5.02 14.04
CA ASN A 70 2.74 -3.56 14.29
C ASN A 70 2.27 -2.95 12.98
N ILE A 71 1.54 -3.74 12.14
CA ILE A 71 1.34 -3.48 10.77
C ILE A 71 -0.09 -3.41 10.43
N GLN A 72 -0.51 -2.28 9.79
CA GLN A 72 -1.97 -2.05 9.53
C GLN A 72 -2.34 -1.99 8.01
N THR A 73 -3.61 -2.31 7.72
CA THR A 73 -4.32 -2.32 6.42
C THR A 73 -4.91 -0.96 5.99
N MET A 74 -5.58 -0.91 4.83
CA MET A 74 -6.42 0.23 4.40
C MET A 74 -7.53 0.57 5.40
N GLY A 75 -8.07 -0.45 6.07
CA GLY A 75 -9.07 -0.38 7.10
C GLY A 75 -8.55 0.02 8.43
N GLY A 76 -7.23 -0.01 8.59
CA GLY A 76 -6.58 0.18 9.88
C GLY A 76 -6.39 -1.10 10.61
N LYS A 77 -6.64 -2.32 10.05
CA LYS A 77 -6.67 -3.58 10.77
C LYS A 77 -5.24 -4.08 10.87
N THR A 78 -4.74 -4.12 12.11
CA THR A 78 -3.46 -4.60 12.50
C THR A 78 -3.34 -6.15 12.16
N PHE A 79 -2.26 -6.60 11.56
CA PHE A 79 -1.95 -8.02 11.38
C PHE A 79 -0.50 -8.41 11.72
N LYS A 80 -0.19 -9.70 11.62
CA LYS A 80 1.09 -10.28 12.03
C LYS A 80 1.78 -10.92 10.82
N ALA A 81 2.81 -10.27 10.28
CA ALA A 81 3.75 -10.88 9.32
C ALA A 81 5.07 -10.08 9.39
N THR A 82 6.20 -10.64 8.96
CA THR A 82 7.49 -9.90 8.96
C THR A 82 7.68 -9.12 7.66
N VAL A 83 7.53 -7.78 7.70
CA VAL A 83 7.69 -6.98 6.46
C VAL A 83 9.20 -6.77 6.18
N GLN A 84 9.61 -6.97 4.93
CA GLN A 84 11.04 -7.14 4.55
C GLN A 84 11.44 -6.26 3.34
N MET A 85 12.76 -6.05 3.12
CA MET A 85 13.34 -5.06 2.18
C MET A 85 14.17 -5.63 1.01
N GLU A 86 13.54 -6.41 0.14
CA GLU A 86 14.22 -7.13 -0.97
C GLU A 86 14.74 -6.19 -2.08
N GLY A 87 16.02 -5.79 -2.08
CA GLY A 87 16.64 -4.84 -3.08
C GLY A 87 16.09 -3.47 -3.04
N GLY A 88 15.35 -3.13 -1.98
CA GLY A 88 14.67 -1.85 -1.74
C GLY A 88 13.13 -1.90 -1.74
N LYS A 89 12.56 -3.05 -2.16
CA LYS A 89 11.11 -3.36 -2.18
C LYS A 89 10.54 -3.53 -0.76
N LEU A 90 9.30 -3.13 -0.49
CA LEU A 90 8.62 -3.51 0.77
C LEU A 90 7.55 -4.66 0.62
N VAL A 91 7.73 -5.79 1.31
CA VAL A 91 7.06 -7.06 0.96
C VAL A 91 6.55 -7.77 2.22
N VAL A 92 5.35 -8.35 2.15
CA VAL A 92 4.90 -9.40 3.08
C VAL A 92 4.69 -10.66 2.26
N ASN A 93 4.63 -11.73 3.03
CA ASN A 93 4.04 -13.01 2.62
C ASN A 93 3.05 -13.48 3.72
N PHE A 94 1.89 -13.95 3.27
CA PHE A 94 0.79 -14.59 4.00
C PHE A 94 0.31 -15.88 3.28
N PRO A 95 -0.61 -16.67 3.84
CA PRO A 95 -1.16 -17.85 3.15
C PRO A 95 -1.78 -17.58 1.77
N ASN A 96 -2.43 -16.43 1.53
CA ASN A 96 -2.99 -16.09 0.26
C ASN A 96 -2.38 -14.75 -0.19
N TYR A 97 -1.99 -13.85 0.72
CA TYR A 97 -1.59 -12.50 0.33
C TYR A 97 -0.05 -12.45 0.16
N HIS A 98 0.36 -11.71 -0.87
CA HIS A 98 1.72 -11.24 -1.11
C HIS A 98 1.69 -9.83 -1.70
N GLN A 99 2.75 -9.06 -1.48
CA GLN A 99 3.14 -7.97 -2.40
C GLN A 99 4.65 -7.67 -2.39
N THR A 100 5.08 -6.69 -3.20
CA THR A 100 6.43 -6.06 -3.24
C THR A 100 6.20 -4.64 -3.83
N SER A 101 6.84 -3.59 -3.30
CA SER A 101 6.70 -2.25 -3.90
C SER A 101 7.94 -1.35 -3.79
N GLU A 102 8.27 -0.65 -4.89
CA GLU A 102 9.59 -0.11 -5.22
C GLU A 102 9.53 1.16 -6.09
N ILE A 103 10.52 2.04 -5.88
CA ILE A 103 10.78 3.25 -6.68
C ILE A 103 11.23 2.81 -8.07
N VAL A 104 10.77 3.52 -9.11
CA VAL A 104 11.34 3.48 -10.48
C VAL A 104 11.55 4.91 -10.91
N GLY A 105 12.71 5.44 -10.86
CA GLY A 105 13.02 6.82 -11.21
C GLY A 105 12.36 7.86 -10.28
N ASP A 106 11.29 8.50 -10.79
CA ASP A 106 10.39 9.44 -10.08
C ASP A 106 9.04 8.82 -9.70
N LYS A 107 8.73 7.67 -10.31
CA LYS A 107 7.47 6.94 -10.12
C LYS A 107 7.67 5.85 -9.08
N LEU A 108 6.56 5.36 -8.55
CA LEU A 108 6.56 4.50 -7.38
C LEU A 108 5.47 3.44 -7.52
N VAL A 109 5.89 2.22 -7.85
CA VAL A 109 5.15 1.11 -8.24
C VAL A 109 4.92 0.01 -7.16
N GLU A 110 3.71 -0.51 -7.07
CA GLU A 110 3.39 -1.75 -6.33
C GLU A 110 2.88 -2.82 -7.29
N VAL A 111 3.23 -4.07 -7.00
CA VAL A 111 2.58 -5.28 -7.52
C VAL A 111 2.29 -6.25 -6.38
N SER A 112 1.05 -6.75 -6.32
CA SER A 112 0.51 -7.42 -5.14
C SER A 112 -0.24 -8.63 -5.76
N THR A 113 -0.53 -9.65 -4.96
CA THR A 113 -1.26 -10.90 -5.36
C THR A 113 -2.01 -11.40 -4.13
N ILE A 114 -3.28 -11.85 -4.28
CA ILE A 114 -4.03 -12.47 -3.25
C ILE A 114 -4.48 -13.79 -3.81
N GLY A 115 -3.97 -14.93 -3.26
CA GLY A 115 -4.39 -16.21 -3.76
C GLY A 115 -4.23 -16.59 -5.21
N GLY A 116 -3.25 -16.03 -5.85
CA GLY A 116 -2.89 -16.24 -7.26
C GLY A 116 -3.41 -15.20 -8.17
N VAL A 117 -4.24 -14.21 -7.73
CA VAL A 117 -4.58 -13.11 -8.64
C VAL A 117 -3.92 -11.78 -8.29
N THR A 118 -3.50 -10.95 -9.29
CA THR A 118 -2.56 -9.84 -9.16
C THR A 118 -3.23 -8.55 -9.39
N TYR A 119 -2.81 -7.54 -8.61
CA TYR A 119 -3.06 -6.10 -8.84
C TYR A 119 -1.74 -5.31 -8.93
N GLU A 120 -1.59 -4.42 -9.90
CA GLU A 120 -0.35 -3.61 -10.19
C GLU A 120 -0.77 -2.19 -10.28
N ARG A 121 -0.11 -1.32 -9.52
CA ARG A 121 -0.55 0.06 -9.33
C ARG A 121 0.62 1.02 -9.15
N VAL A 122 0.59 2.06 -9.96
CA VAL A 122 1.72 2.99 -10.25
C VAL A 122 1.31 4.45 -9.72
N SER A 123 2.25 5.19 -9.10
CA SER A 123 1.99 6.51 -8.55
C SER A 123 3.08 7.54 -8.83
N LYS A 124 2.80 8.83 -8.96
CA LYS A 124 3.78 9.89 -9.38
C LYS A 124 4.12 10.85 -8.22
N ARG A 125 5.41 11.15 -7.98
CA ARG A 125 5.85 12.14 -6.96
C ARG A 125 5.68 13.58 -7.43
N LEU A 126 5.34 14.47 -6.50
CA LEU A 126 5.24 15.93 -6.75
C LEU A 126 5.55 16.82 -5.53
N ALA A 127 6.06 16.27 -4.42
CA ALA A 127 6.59 17.08 -3.33
C ALA A 127 7.98 17.65 -3.69
N ALA A 1 14.51 5.48 1.40
CA ALA A 1 13.19 5.92 1.99
C ALA A 1 12.43 6.46 0.89
N PHE A 2 11.11 6.43 0.99
CA PHE A 2 10.18 6.88 -0.05
C PHE A 2 9.53 8.23 0.27
N THR A 3 10.07 8.97 1.24
CA THR A 3 9.54 10.24 1.78
C THR A 3 9.14 11.25 0.70
N GLY A 4 7.89 11.70 0.74
CA GLY A 4 7.25 12.52 -0.30
C GLY A 4 5.73 12.40 -0.29
N LYS A 5 5.05 12.92 -1.33
CA LYS A 5 3.61 12.81 -1.48
C LYS A 5 3.28 12.33 -2.90
N PHE A 6 2.63 11.18 -3.04
CA PHE A 6 2.48 10.48 -4.32
C PHE A 6 1.00 10.37 -4.67
N GLU A 7 0.67 10.41 -5.96
CA GLU A 7 -0.75 10.29 -6.39
C GLU A 7 -0.96 9.05 -7.24
N MET A 8 -1.88 8.12 -6.92
CA MET A 8 -2.14 6.97 -7.82
C MET A 8 -2.97 7.37 -9.04
N GLU A 9 -2.67 6.70 -10.15
CA GLU A 9 -3.40 6.75 -11.41
C GLU A 9 -3.05 5.54 -12.26
N SER A 10 -3.54 4.39 -11.79
CA SER A 10 -3.25 3.09 -12.39
C SER A 10 -4.19 2.04 -11.81
N GLU A 11 -5.16 1.60 -12.60
CA GLU A 11 -6.17 0.62 -12.21
C GLU A 11 -5.84 -0.73 -12.83
N LYS A 12 -5.63 -1.75 -11.99
CA LYS A 12 -5.62 -3.14 -12.46
C LYS A 12 -6.03 -4.13 -11.37
N ASN A 13 -7.30 -4.48 -11.39
CA ASN A 13 -8.00 -5.67 -10.81
C ASN A 13 -8.52 -5.30 -9.46
N TYR A 14 -8.79 -3.99 -9.24
CA TYR A 14 -9.04 -3.42 -7.92
C TYR A 14 -10.34 -3.93 -7.28
N ASP A 15 -11.37 -4.30 -8.05
CA ASP A 15 -12.65 -4.79 -7.43
C ASP A 15 -12.48 -6.06 -6.68
N GLU A 16 -11.86 -7.04 -7.39
CA GLU A 16 -11.60 -8.33 -6.69
C GLU A 16 -10.56 -8.24 -5.60
N PHE A 17 -9.49 -7.49 -5.89
CA PHE A 17 -8.35 -7.34 -5.01
C PHE A 17 -8.71 -6.72 -3.67
N MET A 18 -9.42 -5.59 -3.71
CA MET A 18 -9.90 -4.92 -2.51
C MET A 18 -10.97 -5.75 -1.78
N LYS A 19 -11.82 -6.51 -2.50
CA LYS A 19 -12.77 -7.43 -1.86
C LYS A 19 -12.09 -8.61 -1.15
N LEU A 20 -11.10 -9.26 -1.79
CA LEU A 20 -10.47 -10.41 -1.26
C LEU A 20 -9.49 -10.05 -0.15
N LEU A 21 -8.96 -8.82 -0.17
CA LEU A 21 -8.26 -8.30 1.00
C LEU A 21 -9.22 -8.02 2.15
N GLY A 22 -10.45 -7.60 1.84
CA GLY A 22 -11.48 -7.59 2.82
C GLY A 22 -12.05 -6.16 3.02
N ILE A 23 -11.75 -5.22 2.11
CA ILE A 23 -12.49 -3.95 2.04
C ILE A 23 -13.79 -4.24 1.30
N SER A 24 -14.95 -4.04 1.95
CA SER A 24 -16.25 -4.38 1.35
C SER A 24 -16.81 -3.34 0.38
N SER A 25 -16.68 -2.03 0.68
CA SER A 25 -17.01 -0.99 -0.21
C SER A 25 -16.24 0.27 0.03
N ASP A 26 -15.90 0.55 1.25
CA ASP A 26 -15.52 1.90 1.83
C ASP A 26 -14.38 2.53 1.05
N VAL A 27 -13.24 1.85 0.93
CA VAL A 27 -12.14 2.31 0.09
C VAL A 27 -12.38 2.11 -1.39
N ILE A 28 -12.97 0.96 -1.81
CA ILE A 28 -13.18 0.61 -3.23
C ILE A 28 -14.00 1.67 -3.96
N GLU A 29 -15.07 2.19 -3.36
CA GLU A 29 -15.87 3.14 -4.07
C GLU A 29 -15.29 4.59 -4.24
N LYS A 30 -14.29 4.92 -3.42
CA LYS A 30 -13.41 6.06 -3.66
C LYS A 30 -12.25 5.65 -4.58
N ALA A 31 -11.81 4.38 -4.55
CA ALA A 31 -10.69 3.88 -5.32
C ALA A 31 -10.92 3.92 -6.83
N ARG A 32 -12.06 3.38 -7.28
CA ARG A 32 -12.54 3.34 -8.60
C ARG A 32 -12.63 4.80 -9.18
N ASN A 33 -13.26 5.73 -8.44
CA ASN A 33 -13.49 7.07 -8.92
C ASN A 33 -12.27 7.99 -8.93
N PHE A 34 -11.71 8.26 -7.76
CA PHE A 34 -10.66 9.23 -7.52
C PHE A 34 -9.21 8.76 -7.77
N LYS A 35 -8.95 7.49 -7.44
CA LYS A 35 -7.60 6.92 -7.24
C LYS A 35 -6.78 7.67 -6.16
N ILE A 36 -6.32 6.88 -5.19
CA ILE A 36 -6.04 7.38 -3.81
C ILE A 36 -4.61 7.95 -3.64
N VAL A 37 -4.38 8.85 -2.67
CA VAL A 37 -3.12 9.59 -2.56
C VAL A 37 -2.41 9.39 -1.29
N THR A 38 -1.08 9.55 -1.24
CA THR A 38 -0.26 9.05 -0.11
C THR A 38 0.80 10.06 0.32
N GLU A 39 0.80 10.37 1.61
CA GLU A 39 1.91 10.96 2.36
C GLU A 39 2.83 9.87 2.91
N VAL A 40 4.12 9.97 2.60
CA VAL A 40 5.15 9.05 3.07
C VAL A 40 6.15 9.79 3.93
N GLN A 41 6.59 9.19 5.04
CA GLN A 41 7.80 9.51 5.67
C GLN A 41 8.42 8.35 6.33
N GLN A 42 9.65 8.16 6.02
CA GLN A 42 10.37 6.99 6.46
C GLN A 42 11.80 7.37 6.80
N ASP A 43 12.33 6.62 7.76
CA ASP A 43 13.71 6.91 8.18
C ASP A 43 14.35 5.74 8.86
N GLY A 44 15.52 5.30 8.37
CA GLY A 44 16.19 4.11 8.92
C GLY A 44 15.32 2.85 8.84
N GLN A 45 15.06 2.25 10.01
CA GLN A 45 14.19 1.08 10.18
C GLN A 45 12.73 1.47 10.46
N ASP A 46 12.44 2.75 10.75
CA ASP A 46 11.17 3.35 11.11
C ASP A 46 10.48 3.90 9.85
N PHE A 47 9.30 3.33 9.57
CA PHE A 47 8.47 3.60 8.38
C PHE A 47 7.07 4.16 8.66
N THR A 48 6.75 5.34 8.14
CA THR A 48 5.39 5.88 7.98
C THR A 48 4.90 5.87 6.54
N TRP A 49 3.69 5.36 6.34
CA TRP A 49 3.05 5.16 5.04
C TRP A 49 1.56 5.44 5.22
N SER A 50 1.08 6.64 4.85
CA SER A 50 -0.36 6.97 5.01
C SER A 50 -1.07 7.38 3.72
N GLN A 51 -2.27 6.85 3.59
CA GLN A 51 -3.17 7.17 2.49
C GLN A 51 -4.29 8.02 2.89
N HIS A 52 -4.77 8.81 1.93
CA HIS A 52 -5.90 9.75 2.09
C HIS A 52 -6.85 9.55 0.93
N TYR A 53 -8.05 9.02 1.22
CA TYR A 53 -9.07 8.75 0.20
C TYR A 53 -10.19 9.79 0.18
N SER A 54 -10.91 9.87 -0.96
CA SER A 54 -11.74 11.05 -1.28
C SER A 54 -12.88 11.48 -0.41
N GLY A 55 -13.42 10.68 0.49
CA GLY A 55 -14.27 11.26 1.48
C GLY A 55 -13.69 12.11 2.59
N GLY A 56 -12.39 12.30 2.55
CA GLY A 56 -11.60 12.98 3.50
C GLY A 56 -11.17 12.11 4.63
N HIS A 57 -11.08 10.79 4.47
CA HIS A 57 -10.64 9.87 5.52
C HIS A 57 -9.19 9.43 5.30
N THR A 58 -8.43 9.56 6.37
CA THR A 58 -7.01 9.42 6.56
C THR A 58 -6.77 8.04 7.16
N MET A 59 -5.84 7.29 6.62
CA MET A 59 -5.52 5.95 7.13
C MET A 59 -4.01 5.79 7.23
N THR A 60 -3.52 5.66 8.47
CA THR A 60 -2.08 5.57 8.71
C THR A 60 -1.63 4.12 8.69
N ASN A 61 -0.45 3.85 8.15
CA ASN A 61 0.23 2.57 8.31
C ASN A 61 1.65 2.85 8.80
N LYS A 62 1.87 2.74 10.11
CA LYS A 62 3.19 2.94 10.74
C LYS A 62 3.83 1.61 11.11
N PHE A 63 5.05 1.34 10.67
CA PHE A 63 5.63 0.01 10.84
C PHE A 63 7.15 0.09 11.00
N THR A 64 7.68 -0.92 11.68
CA THR A 64 9.10 -1.28 11.62
C THR A 64 9.40 -2.32 10.55
N VAL A 65 10.29 -2.00 9.61
CA VAL A 65 10.76 -2.98 8.63
C VAL A 65 11.58 -4.11 9.28
N GLY A 66 11.35 -5.36 8.88
CA GLY A 66 12.04 -6.51 9.48
C GLY A 66 11.39 -6.98 10.78
N LYS A 67 10.16 -6.51 11.06
CA LYS A 67 9.50 -6.69 12.33
C LYS A 67 8.16 -7.21 11.97
N GLU A 68 7.51 -7.70 13.05
CA GLU A 68 6.20 -8.30 13.06
C GLU A 68 5.34 -7.72 14.18
N SER A 69 4.02 -7.88 14.00
CA SER A 69 2.91 -7.38 14.82
C SER A 69 2.71 -5.85 14.82
N ASN A 70 2.85 -5.23 13.64
CA ASN A 70 2.88 -3.77 13.48
C ASN A 70 2.38 -3.35 12.07
N ILE A 71 1.59 -4.23 11.43
CA ILE A 71 1.11 -4.15 10.04
C ILE A 71 -0.34 -3.65 10.05
N GLN A 72 -0.62 -2.45 9.53
CA GLN A 72 -1.98 -1.88 9.44
C GLN A 72 -2.51 -1.85 7.99
N THR A 73 -3.79 -2.17 7.78
CA THR A 73 -4.51 -2.15 6.48
C THR A 73 -4.99 -0.82 5.93
N MET A 74 -5.51 -0.87 4.68
CA MET A 74 -6.31 0.19 4.07
C MET A 74 -7.59 0.50 4.84
N GLY A 75 -8.25 -0.51 5.44
CA GLY A 75 -9.41 -0.25 6.31
C GLY A 75 -9.05 0.03 7.77
N GLY A 76 -7.77 -0.10 8.12
CA GLY A 76 -7.14 0.19 9.38
C GLY A 76 -6.83 -0.93 10.38
N LYS A 77 -6.83 -2.19 9.93
CA LYS A 77 -6.77 -3.37 10.73
C LYS A 77 -5.32 -3.84 10.83
N THR A 78 -4.92 -4.14 12.09
CA THR A 78 -3.55 -4.63 12.51
C THR A 78 -3.49 -6.10 12.36
N PHE A 79 -2.45 -6.61 11.72
CA PHE A 79 -2.16 -8.04 11.69
C PHE A 79 -0.67 -8.33 11.79
N LYS A 80 -0.26 -9.60 11.64
CA LYS A 80 1.12 -9.99 11.97
C LYS A 80 1.77 -10.77 10.84
N ALA A 81 2.84 -10.23 10.28
CA ALA A 81 3.76 -10.84 9.37
C ALA A 81 5.08 -10.11 9.40
N THR A 82 6.13 -10.67 8.80
CA THR A 82 7.48 -10.09 8.70
C THR A 82 7.45 -9.14 7.48
N VAL A 83 7.54 -7.80 7.70
CA VAL A 83 7.70 -6.86 6.61
C VAL A 83 9.14 -7.00 6.06
N GLN A 84 9.27 -7.52 4.82
CA GLN A 84 10.59 -7.75 4.24
C GLN A 84 11.03 -6.61 3.41
N MET A 85 12.35 -6.48 3.22
CA MET A 85 12.94 -5.43 2.38
C MET A 85 14.08 -5.95 1.53
N GLU A 86 13.95 -5.87 0.19
CA GLU A 86 14.82 -6.65 -0.70
C GLU A 86 15.15 -5.85 -1.97
N GLY A 87 16.37 -5.30 -2.05
CA GLY A 87 16.80 -4.41 -3.17
C GLY A 87 16.24 -3.02 -3.03
N GLY A 88 15.51 -2.76 -1.88
CA GLY A 88 14.84 -1.55 -1.70
C GLY A 88 13.38 -1.65 -2.19
N LYS A 89 12.83 -2.88 -2.31
CA LYS A 89 11.38 -3.13 -2.37
C LYS A 89 10.87 -3.49 -0.98
N LEU A 90 9.64 -3.14 -0.62
CA LEU A 90 8.98 -3.56 0.62
C LEU A 90 7.87 -4.57 0.33
N VAL A 91 7.74 -5.62 1.15
CA VAL A 91 7.07 -6.87 0.77
C VAL A 91 6.50 -7.58 2.00
N VAL A 92 5.37 -8.26 1.84
CA VAL A 92 4.87 -9.24 2.82
C VAL A 92 4.41 -10.43 2.15
N ASN A 93 4.44 -11.55 2.88
CA ASN A 93 3.89 -12.87 2.42
C ASN A 93 2.99 -13.42 3.55
N PHE A 94 1.74 -13.66 3.26
CA PHE A 94 0.85 -14.51 4.05
C PHE A 94 0.54 -15.71 3.17
N PRO A 95 -0.02 -16.79 3.72
CA PRO A 95 -0.39 -17.94 2.95
C PRO A 95 -1.21 -17.65 1.74
N ASN A 96 -2.14 -16.70 1.81
CA ASN A 96 -2.96 -16.28 0.74
C ASN A 96 -2.51 -14.90 0.14
N TYR A 97 -1.92 -14.00 0.93
CA TYR A 97 -1.65 -12.62 0.50
C TYR A 97 -0.17 -12.34 0.23
N HIS A 98 0.18 -11.62 -0.84
CA HIS A 98 1.51 -11.18 -1.10
C HIS A 98 1.56 -9.68 -1.53
N GLN A 99 2.44 -8.84 -0.98
CA GLN A 99 2.57 -7.41 -1.36
C GLN A 99 4.00 -7.11 -1.83
N THR A 100 4.18 -6.08 -2.67
CA THR A 100 5.43 -5.66 -3.15
C THR A 100 5.53 -4.30 -3.74
N SER A 101 6.32 -3.40 -3.13
CA SER A 101 6.29 -1.99 -3.50
C SER A 101 7.70 -1.40 -3.60
N GLU A 102 7.98 -0.67 -4.70
CA GLU A 102 9.26 -0.10 -5.07
C GLU A 102 9.25 1.01 -5.98
N ILE A 103 10.36 1.82 -6.01
CA ILE A 103 10.41 3.06 -6.82
C ILE A 103 11.06 2.84 -8.19
N VAL A 104 10.55 3.48 -9.22
CA VAL A 104 11.15 3.26 -10.53
C VAL A 104 11.27 4.66 -11.19
N GLY A 105 12.41 5.16 -11.43
CA GLY A 105 12.73 6.58 -11.81
C GLY A 105 12.34 7.62 -10.86
N ASP A 106 11.21 8.35 -11.10
CA ASP A 106 10.67 9.24 -10.08
C ASP A 106 9.31 8.71 -9.62
N LYS A 107 8.79 7.69 -10.35
CA LYS A 107 7.46 7.18 -10.19
C LYS A 107 7.49 6.01 -9.14
N LEU A 108 6.41 5.78 -8.42
CA LEU A 108 6.44 4.92 -7.24
C LEU A 108 5.39 3.81 -7.29
N VAL A 109 5.86 2.56 -7.42
CA VAL A 109 5.17 1.47 -8.08
C VAL A 109 5.02 0.26 -7.11
N GLU A 110 3.96 -0.52 -7.37
CA GLU A 110 3.64 -1.73 -6.62
C GLU A 110 3.04 -2.81 -7.52
N VAL A 111 3.29 -4.06 -7.17
CA VAL A 111 2.54 -5.30 -7.60
C VAL A 111 2.24 -6.06 -6.33
N SER A 112 1.01 -6.54 -6.19
CA SER A 112 0.61 -7.27 -4.91
C SER A 112 -0.45 -8.37 -5.26
N THR A 113 -0.78 -9.33 -4.41
CA THR A 113 -1.49 -10.56 -4.76
C THR A 113 -2.29 -11.13 -3.59
N ILE A 114 -3.55 -11.54 -3.74
CA ILE A 114 -4.25 -12.40 -2.76
C ILE A 114 -4.63 -13.69 -3.44
N GLY A 115 -4.36 -14.87 -2.85
CA GLY A 115 -5.01 -16.14 -3.35
C GLY A 115 -4.59 -16.42 -4.82
N GLY A 116 -3.50 -15.84 -5.31
CA GLY A 116 -3.10 -15.97 -6.71
C GLY A 116 -3.74 -14.97 -7.68
N VAL A 117 -4.72 -14.14 -7.31
CA VAL A 117 -4.99 -12.89 -8.11
C VAL A 117 -4.12 -11.70 -7.73
N THR A 118 -3.75 -10.86 -8.71
CA THR A 118 -2.76 -9.77 -8.58
C THR A 118 -3.35 -8.41 -8.98
N TYR A 119 -2.87 -7.33 -8.36
CA TYR A 119 -3.07 -5.92 -8.74
C TYR A 119 -1.76 -5.12 -8.84
N GLU A 120 -1.46 -4.54 -10.00
CA GLU A 120 -0.21 -3.76 -10.22
C GLU A 120 -0.64 -2.38 -10.35
N ARG A 121 0.18 -1.40 -9.94
CA ARG A 121 -0.25 0.00 -9.80
C ARG A 121 0.90 1.02 -9.76
N VAL A 122 0.68 2.22 -10.30
CA VAL A 122 1.65 3.32 -10.39
C VAL A 122 1.14 4.57 -9.65
N SER A 123 2.05 5.18 -8.89
CA SER A 123 1.89 6.50 -8.28
C SER A 123 2.91 7.47 -8.74
N LYS A 124 2.49 8.72 -8.99
CA LYS A 124 3.36 9.81 -9.46
C LYS A 124 3.75 10.80 -8.27
N ARG A 125 5.03 11.12 -8.18
CA ARG A 125 5.53 12.10 -7.22
C ARG A 125 5.05 13.54 -7.61
N LEU A 126 4.86 14.41 -6.58
CA LEU A 126 5.01 15.84 -6.82
C LEU A 126 5.40 16.53 -5.51
N ALA A 127 5.31 15.80 -4.38
CA ALA A 127 5.92 16.07 -3.07
C ALA A 127 5.71 17.47 -2.39
N ALA A 1 14.58 5.26 0.42
CA ALA A 1 13.35 5.62 1.15
C ALA A 1 12.28 6.06 0.15
N PHE A 2 11.01 5.85 0.52
CA PHE A 2 9.83 6.11 -0.31
C PHE A 2 9.19 7.46 0.04
N THR A 3 9.73 8.13 1.08
CA THR A 3 9.41 9.44 1.61
C THR A 3 9.03 10.46 0.55
N GLY A 4 7.97 11.26 0.73
CA GLY A 4 7.54 12.24 -0.29
C GLY A 4 6.02 12.46 -0.35
N LYS A 5 5.48 13.01 -1.44
CA LYS A 5 4.04 13.15 -1.71
C LYS A 5 3.76 12.59 -3.10
N PHE A 6 2.67 11.85 -3.23
CA PHE A 6 2.35 11.10 -4.49
C PHE A 6 0.87 11.12 -4.69
N GLU A 7 0.49 10.98 -5.91
CA GLU A 7 -0.93 10.80 -6.21
C GLU A 7 -1.13 9.54 -7.02
N MET A 8 -1.90 8.51 -6.55
CA MET A 8 -2.32 7.49 -7.46
C MET A 8 -3.52 7.79 -8.24
N GLU A 9 -3.57 7.33 -9.48
CA GLU A 9 -4.72 7.58 -10.34
C GLU A 9 -4.88 6.39 -11.29
N SER A 10 -4.88 5.14 -10.81
CA SER A 10 -4.99 4.03 -11.71
C SER A 10 -5.50 2.85 -11.00
N GLU A 11 -6.01 1.86 -11.71
CA GLU A 11 -6.50 0.63 -11.09
C GLU A 11 -6.05 -0.59 -11.90
N LYS A 12 -6.08 -1.75 -11.25
CA LYS A 12 -5.93 -3.05 -11.93
C LYS A 12 -6.43 -4.16 -11.02
N ASN A 13 -7.54 -4.81 -11.39
CA ASN A 13 -8.19 -5.87 -10.58
C ASN A 13 -8.66 -5.40 -9.18
N TYR A 14 -8.72 -4.08 -8.94
CA TYR A 14 -8.80 -3.42 -7.62
C TYR A 14 -10.08 -3.79 -6.84
N ASP A 15 -11.21 -3.94 -7.54
CA ASP A 15 -12.51 -4.32 -6.99
C ASP A 15 -12.56 -5.74 -6.43
N GLU A 16 -12.09 -6.70 -7.22
CA GLU A 16 -11.95 -8.09 -6.76
C GLU A 16 -10.81 -8.26 -5.75
N PHE A 17 -9.76 -7.44 -5.85
CA PHE A 17 -8.57 -7.54 -5.01
C PHE A 17 -8.84 -6.95 -3.61
N MET A 18 -9.45 -5.77 -3.42
CA MET A 18 -9.86 -5.31 -2.10
C MET A 18 -11.12 -6.07 -1.54
N LYS A 19 -12.05 -6.58 -2.36
CA LYS A 19 -13.07 -7.54 -1.91
C LYS A 19 -12.38 -8.78 -1.30
N LEU A 20 -11.31 -9.36 -1.86
CA LEU A 20 -10.60 -10.54 -1.21
C LEU A 20 -9.81 -10.15 0.10
N LEU A 21 -9.26 -8.94 0.15
CA LEU A 21 -8.26 -8.58 1.18
C LEU A 21 -8.87 -8.03 2.50
N GLY A 22 -10.13 -7.55 2.46
CA GLY A 22 -11.01 -7.50 3.64
C GLY A 22 -12.02 -6.36 3.59
N ILE A 23 -12.38 -5.89 2.34
CA ILE A 23 -13.15 -4.66 2.18
C ILE A 23 -14.43 -4.89 1.34
N SER A 24 -15.66 -4.60 1.82
CA SER A 24 -16.86 -4.69 0.96
C SER A 24 -17.03 -3.53 -0.08
N SER A 25 -17.22 -2.29 0.34
CA SER A 25 -17.58 -1.25 -0.62
C SER A 25 -16.98 0.08 -0.25
N ASP A 26 -16.66 0.28 1.03
CA ASP A 26 -16.21 1.56 1.54
C ASP A 26 -14.98 2.14 0.92
N VAL A 27 -13.83 1.46 0.99
CA VAL A 27 -12.64 1.95 0.24
C VAL A 27 -12.84 1.88 -1.26
N ILE A 28 -13.38 0.77 -1.75
CA ILE A 28 -13.51 0.36 -3.13
C ILE A 28 -14.34 1.33 -4.05
N GLU A 29 -15.47 1.87 -3.48
CA GLU A 29 -16.35 2.84 -4.20
C GLU A 29 -15.63 4.19 -4.25
N LYS A 30 -14.94 4.59 -3.18
CA LYS A 30 -14.29 5.90 -3.12
C LYS A 30 -12.94 5.92 -3.87
N ALA A 31 -12.34 4.75 -4.07
CA ALA A 31 -11.18 4.39 -4.89
C ALA A 31 -11.55 4.44 -6.34
N ARG A 32 -12.66 3.81 -6.74
CA ARG A 32 -13.07 3.75 -8.08
C ARG A 32 -13.43 5.16 -8.63
N ASN A 33 -13.99 5.99 -7.75
CA ASN A 33 -14.25 7.41 -7.99
C ASN A 33 -12.97 8.26 -8.00
N PHE A 34 -12.44 8.68 -6.83
CA PHE A 34 -11.44 9.76 -6.77
C PHE A 34 -9.96 9.37 -6.66
N LYS A 35 -9.67 8.10 -6.33
CA LYS A 35 -8.34 7.55 -6.01
C LYS A 35 -7.61 8.20 -4.82
N ILE A 36 -6.89 7.37 -4.08
CA ILE A 36 -6.26 7.71 -2.80
C ILE A 36 -4.91 8.40 -3.05
N VAL A 37 -4.61 9.52 -2.34
CA VAL A 37 -3.27 10.13 -2.48
C VAL A 37 -2.43 9.74 -1.26
N THR A 38 -1.12 9.97 -1.38
CA THR A 38 -0.09 9.49 -0.45
C THR A 38 0.73 10.55 0.25
N GLU A 39 1.02 10.36 1.54
CA GLU A 39 2.04 11.07 2.30
C GLU A 39 3.00 10.02 2.91
N VAL A 40 4.31 10.22 2.80
CA VAL A 40 5.30 9.15 3.11
C VAL A 40 6.47 9.66 3.95
N GLN A 41 6.91 8.86 4.92
CA GLN A 41 8.11 9.10 5.71
C GLN A 41 8.79 7.77 6.08
N GLN A 42 10.11 7.71 5.94
CA GLN A 42 10.98 6.75 6.62
C GLN A 42 12.13 7.50 7.26
N ASP A 43 12.64 6.92 8.34
CA ASP A 43 14.04 7.07 8.74
C ASP A 43 14.50 5.72 9.31
N GLY A 44 15.70 5.29 8.89
CA GLY A 44 16.28 3.95 9.23
C GLY A 44 15.36 2.72 9.06
N GLN A 45 15.08 2.15 10.23
CA GLN A 45 14.25 0.96 10.37
C GLN A 45 12.77 1.33 10.41
N ASP A 46 12.36 2.61 10.50
CA ASP A 46 10.98 3.03 10.87
C ASP A 46 10.22 3.67 9.73
N PHE A 47 9.00 3.19 9.50
CA PHE A 47 8.24 3.35 8.26
C PHE A 47 6.84 3.92 8.46
N THR A 48 6.48 4.96 7.70
CA THR A 48 5.16 5.54 7.66
C THR A 48 4.75 5.61 6.26
N TRP A 49 3.63 4.95 6.03
CA TRP A 49 2.81 4.91 4.84
C TRP A 49 1.50 5.63 5.21
N SER A 50 1.13 6.70 4.51
CA SER A 50 -0.06 7.49 4.83
C SER A 50 -0.89 7.74 3.58
N GLN A 51 -2.19 7.48 3.73
CA GLN A 51 -3.22 7.50 2.69
C GLN A 51 -4.18 8.65 2.98
N HIS A 52 -4.46 9.52 2.00
CA HIS A 52 -5.49 10.55 2.19
C HIS A 52 -6.57 10.33 1.14
N TYR A 53 -7.77 9.88 1.55
CA TYR A 53 -8.90 9.79 0.62
C TYR A 53 -9.24 11.22 0.20
N SER A 54 -9.43 11.48 -1.10
CA SER A 54 -9.76 12.82 -1.62
C SER A 54 -11.16 13.31 -1.20
N GLY A 55 -12.08 12.38 -0.92
CA GLY A 55 -13.34 12.60 -0.19
C GLY A 55 -13.18 12.90 1.32
N GLY A 56 -11.96 12.91 1.83
CA GLY A 56 -11.60 13.65 3.04
C GLY A 56 -11.52 12.90 4.31
N HIS A 57 -10.74 11.83 4.37
CA HIS A 57 -10.31 11.27 5.65
C HIS A 57 -8.90 10.73 5.49
N THR A 58 -8.04 10.89 6.50
CA THR A 58 -6.65 10.43 6.35
C THR A 58 -6.50 9.22 7.27
N MET A 59 -5.68 8.25 6.85
CA MET A 59 -5.25 7.11 7.67
C MET A 59 -3.80 6.67 7.39
N THR A 60 -3.20 6.03 8.39
CA THR A 60 -1.79 5.69 8.41
C THR A 60 -1.48 4.23 8.73
N ASN A 61 -0.32 3.83 8.22
CA ASN A 61 0.19 2.51 8.46
C ASN A 61 1.69 2.75 8.85
N LYS A 62 2.03 2.44 10.12
CA LYS A 62 3.17 2.95 10.88
C LYS A 62 3.85 1.76 11.50
N PHE A 63 5.02 1.36 11.00
CA PHE A 63 5.66 0.06 11.34
C PHE A 63 7.20 0.15 11.35
N THR A 64 7.88 -0.97 11.68
CA THR A 64 9.28 -1.07 11.75
C THR A 64 9.60 -2.35 11.03
N VAL A 65 10.45 -2.25 10.00
CA VAL A 65 10.73 -3.35 9.06
C VAL A 65 11.51 -4.51 9.78
N GLY A 66 11.19 -5.77 9.44
CA GLY A 66 11.81 -6.95 10.10
C GLY A 66 11.09 -7.26 11.40
N LYS A 67 10.02 -6.53 11.77
CA LYS A 67 9.22 -6.73 12.98
C LYS A 67 7.74 -6.98 12.68
N GLU A 68 7.12 -7.91 13.39
CA GLU A 68 5.70 -8.25 13.23
C GLU A 68 4.77 -7.22 13.90
N SER A 69 3.46 -7.32 13.59
CA SER A 69 2.31 -6.80 14.44
C SER A 69 2.21 -5.31 14.54
N ASN A 70 2.84 -4.56 13.62
CA ASN A 70 2.71 -3.12 13.54
C ASN A 70 2.01 -2.67 12.23
N ILE A 71 1.54 -3.67 11.49
CA ILE A 71 1.12 -3.57 10.11
C ILE A 71 -0.38 -3.33 10.10
N GLN A 72 -0.81 -2.29 9.40
CA GLN A 72 -2.23 -2.06 9.10
C GLN A 72 -2.46 -2.07 7.59
N THR A 73 -3.71 -2.26 7.17
CA THR A 73 -4.09 -2.37 5.75
C THR A 73 -4.58 -1.05 5.14
N MET A 74 -4.94 -1.06 3.85
CA MET A 74 -5.44 0.10 3.10
C MET A 74 -6.83 0.57 3.50
N GLY A 75 -7.70 -0.36 3.91
CA GLY A 75 -8.93 0.04 4.56
C GLY A 75 -8.76 0.18 6.07
N GLY A 76 -7.59 -0.09 6.67
CA GLY A 76 -7.25 0.27 8.06
C GLY A 76 -7.26 -0.82 9.15
N LYS A 77 -7.22 -2.11 8.79
CA LYS A 77 -7.28 -3.29 9.68
C LYS A 77 -5.87 -3.79 10.08
N THR A 78 -5.63 -4.26 11.32
CA THR A 78 -4.37 -4.72 11.76
C THR A 78 -4.23 -6.20 11.48
N PHE A 79 -3.21 -6.56 10.72
CA PHE A 79 -2.77 -7.95 10.59
C PHE A 79 -1.27 -8.08 10.88
N LYS A 80 -0.79 -9.32 10.96
CA LYS A 80 0.49 -9.60 11.54
C LYS A 80 1.37 -10.43 10.60
N ALA A 81 2.28 -9.81 9.90
CA ALA A 81 3.37 -10.40 9.14
C ALA A 81 4.59 -9.62 9.38
N THR A 82 5.71 -10.19 8.85
CA THR A 82 7.05 -9.55 8.99
C THR A 82 7.34 -8.94 7.62
N VAL A 83 7.28 -7.62 7.57
CA VAL A 83 7.76 -6.87 6.43
C VAL A 83 9.26 -7.07 6.26
N GLN A 84 9.73 -7.29 5.05
CA GLN A 84 11.16 -7.37 4.76
C GLN A 84 11.51 -6.49 3.54
N MET A 85 12.77 -6.06 3.45
CA MET A 85 13.25 -5.28 2.30
C MET A 85 14.06 -6.19 1.38
N GLU A 86 13.71 -6.25 0.09
CA GLU A 86 14.59 -6.88 -0.87
C GLU A 86 15.01 -5.91 -1.92
N GLY A 87 16.28 -5.43 -1.83
CA GLY A 87 16.83 -4.52 -2.82
C GLY A 87 16.43 -3.12 -2.60
N GLY A 88 15.84 -2.85 -1.43
CA GLY A 88 15.13 -1.62 -1.12
C GLY A 88 13.62 -1.68 -1.40
N LYS A 89 12.99 -2.87 -1.58
CA LYS A 89 11.62 -3.02 -1.93
C LYS A 89 10.96 -3.74 -0.78
N LEU A 90 9.78 -3.32 -0.29
CA LEU A 90 9.12 -3.79 0.90
C LEU A 90 8.10 -4.75 0.57
N VAL A 91 8.18 -5.86 1.31
CA VAL A 91 7.50 -7.12 1.01
C VAL A 91 6.85 -7.77 2.25
N VAL A 92 5.62 -8.32 2.13
CA VAL A 92 5.13 -9.41 3.03
C VAL A 92 4.94 -10.73 2.31
N ASN A 93 4.82 -11.77 3.14
CA ASN A 93 4.26 -13.08 2.83
C ASN A 93 3.27 -13.52 3.93
N PHE A 94 2.27 -14.30 3.53
CA PHE A 94 1.15 -14.88 4.28
C PHE A 94 0.69 -16.19 3.60
N PRO A 95 -0.19 -17.02 4.21
CA PRO A 95 -0.68 -18.25 3.59
C PRO A 95 -1.44 -18.11 2.25
N ASN A 96 -1.99 -16.93 1.93
CA ASN A 96 -2.52 -16.65 0.60
C ASN A 96 -2.00 -15.33 0.02
N TYR A 97 -1.58 -14.39 0.87
CA TYR A 97 -1.16 -13.03 0.45
C TYR A 97 0.36 -12.79 0.38
N HIS A 98 0.84 -12.08 -0.65
CA HIS A 98 2.21 -11.58 -0.82
C HIS A 98 2.18 -10.24 -1.58
N GLN A 99 3.14 -9.34 -1.39
CA GLN A 99 3.28 -8.17 -2.26
C GLN A 99 4.71 -7.60 -2.30
N THR A 100 4.91 -6.53 -3.06
CA THR A 100 6.24 -5.95 -3.33
C THR A 100 6.12 -4.47 -3.70
N SER A 101 6.56 -3.57 -2.81
CA SER A 101 6.59 -2.16 -3.01
C SER A 101 7.91 -1.61 -3.65
N GLU A 102 7.92 -0.88 -4.79
CA GLU A 102 9.21 -0.46 -5.40
C GLU A 102 9.22 0.90 -6.11
N ILE A 103 10.39 1.54 -6.21
CA ILE A 103 10.57 2.79 -7.00
C ILE A 103 10.90 2.40 -8.45
N VAL A 104 10.31 3.08 -9.45
CA VAL A 104 10.96 3.11 -10.72
C VAL A 104 11.14 4.57 -11.08
N GLY A 105 12.38 5.10 -11.14
CA GLY A 105 12.66 6.45 -11.67
C GLY A 105 12.06 7.61 -10.88
N ASP A 106 11.04 8.28 -11.41
CA ASP A 106 10.36 9.35 -10.64
C ASP A 106 9.05 8.85 -9.96
N LYS A 107 8.65 7.60 -10.21
CA LYS A 107 7.38 7.04 -9.87
C LYS A 107 7.39 5.68 -9.19
N LEU A 108 6.40 5.38 -8.37
CA LEU A 108 6.38 4.32 -7.40
C LEU A 108 5.42 3.27 -7.81
N VAL A 109 5.93 2.06 -8.07
CA VAL A 109 5.18 0.91 -8.57
C VAL A 109 4.95 -0.10 -7.46
N GLU A 110 3.72 -0.58 -7.31
CA GLU A 110 3.39 -1.66 -6.49
C GLU A 110 3.15 -2.87 -7.39
N VAL A 111 3.56 -4.05 -6.93
CA VAL A 111 3.18 -5.35 -7.54
C VAL A 111 2.83 -6.39 -6.49
N SER A 112 1.57 -6.82 -6.48
CA SER A 112 0.86 -7.36 -5.30
C SER A 112 0.12 -8.69 -5.60
N THR A 113 0.01 -9.69 -4.69
CA THR A 113 -0.50 -11.03 -4.98
C THR A 113 -1.41 -11.69 -3.94
N ILE A 114 -2.68 -11.97 -4.22
CA ILE A 114 -3.55 -12.77 -3.33
C ILE A 114 -3.93 -14.07 -4.04
N GLY A 115 -3.59 -15.23 -3.49
CA GLY A 115 -4.09 -16.50 -4.03
C GLY A 115 -3.55 -16.86 -5.33
N GLY A 116 -2.48 -16.16 -5.73
CA GLY A 116 -1.89 -16.23 -7.05
C GLY A 116 -2.48 -15.22 -8.03
N VAL A 117 -3.55 -14.48 -7.69
CA VAL A 117 -4.06 -13.36 -8.51
C VAL A 117 -3.37 -12.03 -8.25
N THR A 118 -2.83 -11.43 -9.31
CA THR A 118 -2.01 -10.22 -9.29
C THR A 118 -2.77 -8.88 -9.26
N TYR A 119 -2.12 -7.88 -8.67
CA TYR A 119 -2.42 -6.44 -8.82
C TYR A 119 -1.15 -5.62 -9.10
N GLU A 120 -1.15 -4.61 -9.96
CA GLU A 120 0.10 -3.95 -10.36
C GLU A 120 -0.19 -2.52 -10.80
N ARG A 121 0.24 -1.47 -10.07
CA ARG A 121 0.07 -0.09 -10.56
C ARG A 121 1.07 0.92 -10.05
N VAL A 122 1.17 2.01 -10.81
CA VAL A 122 2.08 3.15 -10.62
C VAL A 122 1.41 4.33 -9.93
N SER A 123 2.12 4.98 -9.00
CA SER A 123 1.74 6.21 -8.33
C SER A 123 2.80 7.20 -8.62
N LYS A 124 2.33 8.41 -8.96
CA LYS A 124 3.12 9.52 -9.55
C LYS A 124 3.50 10.58 -8.53
N ARG A 125 4.78 10.97 -8.52
CA ARG A 125 5.36 11.93 -7.58
C ARG A 125 4.97 13.36 -7.89
N LEU A 126 4.69 14.13 -6.84
CA LEU A 126 4.60 15.60 -6.87
C LEU A 126 5.16 16.25 -5.58
N ALA A 127 6.14 15.59 -4.97
CA ALA A 127 6.96 16.13 -3.89
C ALA A 127 7.92 17.23 -4.39
N ALA A 1 14.78 5.36 1.27
CA ALA A 1 13.49 6.08 1.58
C ALA A 1 12.52 6.43 0.42
N PHE A 2 11.25 6.59 0.68
CA PHE A 2 10.18 6.71 -0.33
C PHE A 2 9.28 7.86 0.17
N THR A 3 9.80 8.75 1.04
CA THR A 3 9.22 9.95 1.65
C THR A 3 8.66 10.93 0.63
N GLY A 4 7.46 11.48 0.87
CA GLY A 4 6.85 12.47 0.00
C GLY A 4 5.33 12.50 -0.20
N LYS A 5 4.91 13.62 -0.82
CA LYS A 5 3.62 13.72 -1.42
C LYS A 5 3.44 13.11 -2.81
N PHE A 6 2.54 12.15 -2.96
CA PHE A 6 2.33 11.45 -4.23
C PHE A 6 0.82 11.42 -4.50
N GLU A 7 0.43 11.39 -5.77
CA GLU A 7 -0.93 11.43 -6.18
C GLU A 7 -1.29 10.19 -7.01
N MET A 8 -2.19 9.25 -6.57
CA MET A 8 -2.60 8.00 -7.23
C MET A 8 -3.16 8.19 -8.61
N GLU A 9 -2.84 7.25 -9.57
CA GLU A 9 -3.62 7.06 -10.77
C GLU A 9 -3.16 5.72 -11.39
N SER A 10 -3.94 4.65 -11.42
CA SER A 10 -3.67 3.37 -12.13
C SER A 10 -4.25 2.26 -11.27
N GLU A 11 -5.37 1.73 -11.69
CA GLU A 11 -6.07 0.72 -10.97
C GLU A 11 -6.12 -0.51 -11.83
N LYS A 12 -5.76 -1.70 -11.37
CA LYS A 12 -5.81 -2.89 -12.24
C LYS A 12 -6.29 -4.08 -11.44
N ASN A 13 -7.51 -4.56 -11.71
CA ASN A 13 -8.20 -5.65 -10.99
C ASN A 13 -8.60 -5.31 -9.52
N TYR A 14 -8.72 -4.02 -9.21
CA TYR A 14 -9.03 -3.47 -7.88
C TYR A 14 -10.35 -3.98 -7.29
N ASP A 15 -11.34 -4.23 -8.16
CA ASP A 15 -12.68 -4.76 -7.82
C ASP A 15 -12.62 -6.00 -7.01
N GLU A 16 -11.77 -6.97 -7.46
CA GLU A 16 -11.54 -8.27 -6.85
C GLU A 16 -10.68 -8.16 -5.57
N PHE A 17 -9.56 -7.45 -5.75
CA PHE A 17 -8.39 -7.59 -4.93
C PHE A 17 -8.63 -6.96 -3.55
N MET A 18 -9.23 -5.77 -3.50
CA MET A 18 -9.57 -5.13 -2.22
C MET A 18 -10.74 -5.80 -1.50
N LYS A 19 -11.67 -6.44 -2.23
CA LYS A 19 -12.73 -7.29 -1.64
C LYS A 19 -12.20 -8.59 -1.03
N LEU A 20 -11.39 -9.32 -1.80
CA LEU A 20 -10.49 -10.46 -1.36
C LEU A 20 -9.76 -10.18 -0.01
N LEU A 21 -9.06 -9.05 0.05
CA LEU A 21 -8.35 -8.67 1.27
C LEU A 21 -9.22 -8.30 2.47
N GLY A 22 -10.52 -8.01 2.28
CA GLY A 22 -11.34 -7.63 3.46
C GLY A 22 -11.90 -6.25 3.42
N ILE A 23 -11.90 -5.53 2.30
CA ILE A 23 -12.51 -4.21 2.19
C ILE A 23 -13.74 -4.31 1.29
N SER A 24 -14.93 -4.30 1.88
CA SER A 24 -16.18 -4.42 1.12
C SER A 24 -16.59 -3.23 0.18
N SER A 25 -16.55 -1.95 0.67
CA SER A 25 -16.89 -0.78 -0.12
C SER A 25 -16.08 0.44 0.30
N ASP A 26 -15.32 0.33 1.43
CA ASP A 26 -14.68 1.50 2.04
C ASP A 26 -13.59 2.16 1.23
N VAL A 27 -12.63 1.36 0.75
CA VAL A 27 -11.53 1.83 -0.11
C VAL A 27 -11.88 1.80 -1.59
N ILE A 28 -12.72 0.85 -1.99
CA ILE A 28 -13.05 0.58 -3.43
C ILE A 28 -13.98 1.70 -3.96
N GLU A 29 -15.04 2.06 -3.24
CA GLU A 29 -15.85 3.17 -3.68
C GLU A 29 -15.04 4.50 -3.70
N LYS A 30 -13.98 4.62 -2.92
CA LYS A 30 -13.10 5.80 -2.93
C LYS A 30 -12.04 5.84 -4.03
N ALA A 31 -11.34 4.70 -4.12
CA ALA A 31 -10.34 4.49 -5.15
C ALA A 31 -10.82 4.57 -6.66
N ARG A 32 -12.00 3.99 -6.93
CA ARG A 32 -12.55 3.90 -8.31
C ARG A 32 -12.91 5.28 -8.87
N ASN A 33 -13.30 6.22 -8.00
CA ASN A 33 -13.87 7.50 -8.39
C ASN A 33 -12.80 8.60 -8.56
N PHE A 34 -12.47 9.24 -7.45
CA PHE A 34 -11.58 10.40 -7.30
C PHE A 34 -10.13 10.09 -6.93
N LYS A 35 -9.83 8.79 -6.78
CA LYS A 35 -8.52 8.23 -6.42
C LYS A 35 -8.02 8.79 -5.07
N ILE A 36 -6.85 8.32 -4.63
CA ILE A 36 -6.37 8.36 -3.22
C ILE A 36 -4.92 8.85 -3.17
N VAL A 37 -4.63 10.00 -2.56
CA VAL A 37 -3.24 10.55 -2.51
C VAL A 37 -2.39 10.02 -1.35
N THR A 38 -1.08 9.89 -1.53
CA THR A 38 -0.12 9.42 -0.50
C THR A 38 0.69 10.49 0.21
N GLU A 39 0.97 10.29 1.51
CA GLU A 39 1.97 11.07 2.27
C GLU A 39 2.89 10.11 3.05
N VAL A 40 4.14 9.95 2.62
CA VAL A 40 5.14 8.99 3.16
C VAL A 40 6.22 9.68 3.99
N GLN A 41 6.79 8.97 4.98
CA GLN A 41 7.89 9.25 5.88
C GLN A 41 8.43 7.88 6.23
N GLN A 42 9.68 7.63 5.89
CA GLN A 42 10.39 6.47 6.41
C GLN A 42 11.70 7.04 6.96
N ASP A 43 12.27 6.44 7.97
CA ASP A 43 13.70 6.68 8.33
C ASP A 43 14.31 5.37 8.92
N GLY A 44 15.36 4.92 8.21
CA GLY A 44 16.06 3.67 8.50
C GLY A 44 15.18 2.44 8.29
N GLN A 45 14.95 1.72 9.38
CA GLN A 45 14.15 0.52 9.49
C GLN A 45 12.65 0.89 9.65
N ASP A 46 12.37 2.11 10.12
CA ASP A 46 11.02 2.63 10.41
C ASP A 46 10.23 3.22 9.23
N PHE A 47 8.91 3.14 9.32
CA PHE A 47 8.04 3.38 8.24
C PHE A 47 6.80 4.07 8.76
N THR A 48 6.31 4.95 7.82
CA THR A 48 4.87 5.51 7.79
C THR A 48 4.43 5.68 6.40
N TRP A 49 3.27 5.15 5.99
CA TRP A 49 2.54 5.83 4.91
C TRP A 49 1.23 6.28 5.52
N SER A 50 0.95 7.54 5.30
CA SER A 50 -0.39 8.15 5.44
C SER A 50 -0.93 8.24 4.05
N GLN A 51 -2.24 8.01 3.94
CA GLN A 51 -2.91 7.72 2.66
C GLN A 51 -4.31 8.36 2.69
N HIS A 52 -4.64 9.25 1.74
CA HIS A 52 -5.73 10.23 1.85
C HIS A 52 -6.70 10.05 0.68
N TYR A 53 -7.91 9.57 0.95
CA TYR A 53 -9.00 9.51 -0.04
C TYR A 53 -9.26 10.96 -0.48
N SER A 54 -9.36 11.20 -1.79
CA SER A 54 -9.92 12.40 -2.30
C SER A 54 -11.47 12.52 -2.21
N GLY A 55 -12.05 11.52 -1.55
CA GLY A 55 -13.38 11.60 -0.97
C GLY A 55 -13.47 12.29 0.37
N GLY A 56 -12.36 12.67 1.04
CA GLY A 56 -12.39 13.32 2.34
C GLY A 56 -12.22 12.43 3.55
N HIS A 57 -11.23 11.54 3.55
CA HIS A 57 -10.81 10.76 4.73
C HIS A 57 -9.33 10.37 4.59
N THR A 58 -8.70 9.97 5.68
CA THR A 58 -7.30 9.55 5.74
C THR A 58 -7.13 8.24 6.51
N MET A 59 -6.12 7.42 6.20
CA MET A 59 -5.79 6.31 7.02
C MET A 59 -4.31 6.25 7.07
N THR A 60 -3.74 5.87 8.22
CA THR A 60 -2.29 5.82 8.43
C THR A 60 -1.76 4.46 8.85
N ASN A 61 -0.59 4.04 8.36
CA ASN A 61 0.01 2.73 8.63
C ASN A 61 1.44 2.92 9.16
N LYS A 62 1.75 2.64 10.44
CA LYS A 62 3.05 2.72 11.03
C LYS A 62 3.59 1.38 11.50
N PHE A 63 4.81 0.99 11.11
CA PHE A 63 5.44 -0.27 11.49
C PHE A 63 6.96 -0.06 11.44
N THR A 64 7.73 -1.13 11.75
CA THR A 64 9.14 -1.14 11.62
C THR A 64 9.42 -2.44 10.82
N VAL A 65 10.22 -2.31 9.74
CA VAL A 65 10.67 -3.42 8.85
C VAL A 65 11.58 -4.47 9.51
N GLY A 66 11.43 -5.75 9.13
CA GLY A 66 12.07 -6.87 9.83
C GLY A 66 11.41 -7.23 11.18
N LYS A 67 10.22 -6.69 11.46
CA LYS A 67 9.42 -6.93 12.67
C LYS A 67 7.97 -7.24 12.29
N GLU A 68 7.21 -7.76 13.24
CA GLU A 68 5.91 -8.30 13.10
C GLU A 68 4.88 -7.46 13.82
N SER A 69 3.60 -7.79 13.62
CA SER A 69 2.45 -7.56 14.50
C SER A 69 1.79 -6.18 14.51
N ASN A 70 2.48 -5.12 14.09
CA ASN A 70 1.92 -3.76 14.01
C ASN A 70 1.68 -3.30 12.54
N ILE A 71 1.47 -4.23 11.61
CA ILE A 71 1.47 -4.05 10.16
C ILE A 71 -0.01 -3.78 9.77
N GLN A 72 -0.38 -2.51 9.58
CA GLN A 72 -1.77 -2.06 9.37
C GLN A 72 -2.23 -2.14 7.89
N THR A 73 -3.54 -2.20 7.55
CA THR A 73 -3.97 -2.26 6.15
C THR A 73 -4.50 -0.93 5.56
N MET A 74 -4.96 -0.94 4.29
CA MET A 74 -5.58 0.20 3.60
C MET A 74 -6.93 0.49 4.21
N GLY A 75 -7.67 -0.55 4.63
CA GLY A 75 -8.90 -0.32 5.33
C GLY A 75 -8.76 -0.10 6.75
N GLY A 76 -7.54 -0.17 7.27
CA GLY A 76 -7.22 0.03 8.68
C GLY A 76 -7.27 -1.24 9.51
N LYS A 77 -7.30 -2.46 9.00
CA LYS A 77 -7.04 -3.67 9.83
C LYS A 77 -5.61 -3.65 10.39
N THR A 78 -5.25 -4.45 11.40
CA THR A 78 -3.88 -4.68 11.80
C THR A 78 -3.67 -6.19 11.75
N PHE A 79 -2.72 -6.65 10.93
CA PHE A 79 -2.33 -8.07 10.84
C PHE A 79 -0.88 -8.43 11.23
N LYS A 80 -0.63 -9.72 11.45
CA LYS A 80 0.67 -10.26 11.83
C LYS A 80 1.36 -10.89 10.61
N ALA A 81 2.31 -10.15 10.06
CA ALA A 81 3.30 -10.56 9.07
C ALA A 81 4.55 -9.69 9.25
N THR A 82 5.67 -10.06 8.65
CA THR A 82 6.98 -9.53 8.76
C THR A 82 7.44 -8.88 7.41
N VAL A 83 7.47 -7.56 7.36
CA VAL A 83 7.89 -6.88 6.14
C VAL A 83 9.39 -7.05 5.93
N GLN A 84 9.81 -7.38 4.71
CA GLN A 84 11.21 -7.56 4.33
C GLN A 84 11.62 -6.42 3.39
N MET A 85 12.89 -6.01 3.46
CA MET A 85 13.54 -5.28 2.38
C MET A 85 14.25 -6.27 1.47
N GLU A 86 14.11 -6.10 0.15
CA GLU A 86 15.02 -6.68 -0.79
C GLU A 86 15.47 -5.61 -1.78
N GLY A 87 16.69 -4.99 -1.60
CA GLY A 87 17.23 -4.00 -2.47
C GLY A 87 16.64 -2.62 -2.27
N GLY A 88 15.38 -2.41 -2.62
CA GLY A 88 14.70 -1.19 -2.50
C GLY A 88 13.26 -1.39 -2.56
N LYS A 89 12.78 -2.53 -1.96
CA LYS A 89 11.43 -3.06 -2.22
C LYS A 89 10.81 -3.59 -0.93
N LEU A 90 9.62 -3.18 -0.47
CA LEU A 90 9.02 -3.72 0.75
C LEU A 90 8.09 -4.86 0.39
N VAL A 91 8.11 -5.96 1.21
CA VAL A 91 7.44 -7.17 0.71
C VAL A 91 6.85 -7.87 1.93
N VAL A 92 5.70 -8.53 1.80
CA VAL A 92 5.11 -9.37 2.89
C VAL A 92 4.62 -10.70 2.33
N ASN A 93 4.32 -11.64 3.24
CA ASN A 93 4.13 -13.02 2.87
C ASN A 93 3.32 -13.70 3.97
N PHE A 94 2.03 -13.89 3.70
CA PHE A 94 1.17 -14.83 4.43
C PHE A 94 1.02 -16.10 3.58
N PRO A 95 0.44 -17.19 4.12
CA PRO A 95 0.09 -18.36 3.30
C PRO A 95 -0.93 -18.04 2.19
N ASN A 96 -1.65 -16.93 2.30
CA ASN A 96 -2.65 -16.49 1.32
C ASN A 96 -2.30 -15.17 0.61
N TYR A 97 -1.29 -14.38 1.00
CA TYR A 97 -1.12 -13.06 0.51
C TYR A 97 0.28 -12.61 0.38
N HIS A 98 0.59 -11.77 -0.60
CA HIS A 98 1.93 -11.29 -0.93
C HIS A 98 1.86 -9.85 -1.40
N GLN A 99 2.96 -9.11 -1.31
CA GLN A 99 3.05 -7.78 -1.91
C GLN A 99 4.50 -7.46 -2.24
N THR A 100 4.74 -6.50 -3.14
CA THR A 100 6.08 -5.97 -3.50
C THR A 100 5.83 -4.47 -3.70
N SER A 101 6.65 -3.60 -3.11
CA SER A 101 6.47 -2.13 -3.08
C SER A 101 7.78 -1.42 -3.38
N GLU A 102 7.97 -0.87 -4.60
CA GLU A 102 9.27 -0.35 -5.07
C GLU A 102 9.17 0.87 -6.02
N ILE A 103 10.30 1.53 -6.27
CA ILE A 103 10.43 2.72 -7.14
C ILE A 103 10.95 2.33 -8.53
N VAL A 104 10.42 2.92 -9.61
CA VAL A 104 10.83 2.60 -10.98
C VAL A 104 10.80 3.94 -11.70
N GLY A 105 12.03 4.39 -11.96
CA GLY A 105 12.20 5.82 -12.39
C GLY A 105 11.92 6.83 -11.28
N ASP A 106 11.06 7.79 -11.68
CA ASP A 106 10.41 8.79 -10.80
C ASP A 106 9.05 8.36 -10.21
N LYS A 107 8.56 7.20 -10.68
CA LYS A 107 7.29 6.57 -10.32
C LYS A 107 7.49 5.44 -9.30
N LEU A 108 6.38 5.07 -8.72
CA LEU A 108 6.21 4.14 -7.61
C LEU A 108 5.42 2.94 -8.17
N VAL A 109 5.93 1.70 -8.16
CA VAL A 109 5.20 0.52 -8.65
C VAL A 109 5.10 -0.65 -7.72
N GLU A 110 3.91 -0.83 -7.13
CA GLU A 110 3.56 -1.98 -6.27
C GLU A 110 3.03 -3.15 -7.12
N VAL A 111 3.12 -4.41 -6.66
CA VAL A 111 2.41 -5.48 -7.37
C VAL A 111 2.11 -6.45 -6.26
N SER A 112 0.97 -7.11 -6.25
CA SER A 112 0.33 -7.57 -5.00
C SER A 112 -0.42 -8.87 -5.27
N THR A 113 -0.49 -9.87 -4.37
CA THR A 113 -1.06 -11.15 -4.79
C THR A 113 -1.82 -11.74 -3.65
N ILE A 114 -3.08 -12.16 -3.84
CA ILE A 114 -3.93 -12.84 -2.85
C ILE A 114 -4.44 -14.13 -3.48
N GLY A 115 -4.10 -15.25 -2.87
CA GLY A 115 -4.49 -16.59 -3.31
C GLY A 115 -4.22 -16.84 -4.74
N GLY A 116 -3.15 -16.31 -5.28
CA GLY A 116 -2.80 -16.45 -6.72
C GLY A 116 -3.21 -15.36 -7.63
N VAL A 117 -4.03 -14.37 -7.14
CA VAL A 117 -4.63 -13.29 -7.91
C VAL A 117 -3.91 -11.96 -7.66
N THR A 118 -3.74 -11.14 -8.70
CA THR A 118 -2.75 -10.04 -8.72
C THR A 118 -3.36 -8.63 -8.80
N TYR A 119 -2.78 -7.62 -8.13
CA TYR A 119 -2.98 -6.18 -8.34
C TYR A 119 -1.62 -5.68 -8.87
N GLU A 120 -1.58 -4.66 -9.73
CA GLU A 120 -0.34 -4.00 -10.14
C GLU A 120 -0.73 -2.56 -10.10
N ARG A 121 0.07 -1.67 -9.48
CA ARG A 121 -0.35 -0.28 -9.23
C ARG A 121 0.74 0.73 -9.52
N VAL A 122 0.35 1.97 -9.85
CA VAL A 122 1.37 3.05 -10.08
C VAL A 122 0.90 4.32 -9.35
N SER A 123 1.89 5.23 -9.10
CA SER A 123 1.66 6.53 -8.46
C SER A 123 2.88 7.38 -8.74
N LYS A 124 2.65 8.73 -8.91
CA LYS A 124 3.67 9.63 -9.46
C LYS A 124 4.09 10.67 -8.43
N ARG A 125 5.35 11.15 -8.37
CA ARG A 125 5.71 12.20 -7.37
C ARG A 125 5.29 13.62 -7.77
N LEU A 126 4.98 14.43 -6.74
CA LEU A 126 4.93 15.89 -6.80
C LEU A 126 5.45 16.49 -5.49
N ALA A 127 6.26 15.72 -4.77
CA ALA A 127 6.80 16.09 -3.46
C ALA A 127 7.70 17.35 -3.56
N ALA A 1 14.96 5.51 0.33
CA ALA A 1 13.71 5.65 1.09
C ALA A 1 12.56 6.16 0.18
N PHE A 2 11.33 5.90 0.61
CA PHE A 2 10.11 6.21 -0.16
C PHE A 2 9.49 7.59 0.04
N THR A 3 9.96 8.33 1.05
CA THR A 3 9.58 9.64 1.53
C THR A 3 9.07 10.65 0.60
N GLY A 4 7.87 11.18 0.79
CA GLY A 4 7.26 12.15 -0.09
C GLY A 4 5.79 11.99 -0.36
N LYS A 5 5.21 12.95 -1.10
CA LYS A 5 3.79 13.00 -1.51
C LYS A 5 3.66 12.46 -2.94
N PHE A 6 2.81 11.46 -3.14
CA PHE A 6 2.49 10.88 -4.45
C PHE A 6 0.98 10.81 -4.63
N GLU A 7 0.56 10.48 -5.83
CA GLU A 7 -0.80 10.58 -6.34
C GLU A 7 -1.01 9.53 -7.42
N MET A 8 -1.91 8.58 -7.13
CA MET A 8 -2.20 7.42 -7.98
C MET A 8 -3.38 7.75 -8.90
N GLU A 9 -3.26 7.38 -10.18
CA GLU A 9 -4.39 7.41 -11.07
C GLU A 9 -4.43 6.20 -11.92
N SER A 10 -4.01 5.07 -11.40
CA SER A 10 -4.13 3.83 -12.15
C SER A 10 -4.54 2.76 -11.19
N GLU A 11 -5.54 1.98 -11.59
CA GLU A 11 -5.93 0.78 -10.83
C GLU A 11 -6.02 -0.44 -11.76
N LYS A 12 -5.89 -1.66 -11.21
CA LYS A 12 -5.92 -2.86 -12.02
C LYS A 12 -6.21 -4.13 -11.22
N ASN A 13 -7.35 -4.87 -11.45
CA ASN A 13 -7.75 -6.02 -10.63
C ASN A 13 -8.29 -5.53 -9.23
N TYR A 14 -8.52 -4.19 -9.14
CA TYR A 14 -8.78 -3.45 -7.90
C TYR A 14 -10.07 -3.88 -7.09
N ASP A 15 -11.16 -4.20 -7.80
CA ASP A 15 -12.37 -4.78 -7.21
C ASP A 15 -12.14 -6.14 -6.57
N GLU A 16 -11.67 -7.12 -7.33
CA GLU A 16 -11.36 -8.43 -6.76
C GLU A 16 -10.23 -8.33 -5.73
N PHE A 17 -9.20 -7.50 -5.92
CA PHE A 17 -8.09 -7.51 -4.98
C PHE A 17 -8.54 -6.86 -3.66
N MET A 18 -9.29 -5.76 -3.68
CA MET A 18 -9.75 -5.11 -2.44
C MET A 18 -10.82 -5.92 -1.70
N LYS A 19 -11.76 -6.57 -2.39
CA LYS A 19 -12.75 -7.43 -1.79
C LYS A 19 -12.07 -8.58 -1.11
N LEU A 20 -11.17 -9.26 -1.80
CA LEU A 20 -10.44 -10.43 -1.24
C LEU A 20 -9.57 -10.02 -0.01
N LEU A 21 -8.86 -8.90 -0.11
CA LEU A 21 -8.02 -8.55 1.01
C LEU A 21 -8.79 -8.02 2.20
N GLY A 22 -10.03 -7.57 1.99
CA GLY A 22 -10.93 -7.40 3.06
C GLY A 22 -11.48 -6.01 3.20
N ILE A 23 -11.62 -5.26 2.08
CA ILE A 23 -12.48 -4.13 2.08
C ILE A 23 -13.87 -4.50 1.61
N SER A 24 -14.88 -4.14 2.41
CA SER A 24 -16.30 -4.37 2.10
C SER A 24 -16.79 -3.35 1.07
N SER A 25 -16.71 -2.05 1.40
CA SER A 25 -17.06 -0.98 0.51
C SER A 25 -16.15 0.23 0.67
N ASP A 26 -15.68 0.46 1.93
CA ASP A 26 -15.26 1.77 2.40
C ASP A 26 -14.15 2.41 1.70
N VAL A 27 -13.05 1.73 1.31
CA VAL A 27 -12.00 2.30 0.38
C VAL A 27 -12.32 1.99 -1.10
N ILE A 28 -13.07 0.88 -1.39
CA ILE A 28 -13.28 0.47 -2.78
C ILE A 28 -14.12 1.43 -3.49
N GLU A 29 -15.04 2.01 -2.73
CA GLU A 29 -15.84 3.14 -3.26
C GLU A 29 -15.01 4.38 -3.58
N LYS A 30 -13.89 4.60 -2.89
CA LYS A 30 -12.96 5.72 -3.10
C LYS A 30 -12.06 5.46 -4.32
N ALA A 31 -11.60 4.22 -4.48
CA ALA A 31 -10.80 3.74 -5.60
C ALA A 31 -11.46 4.01 -6.95
N ARG A 32 -12.68 3.48 -7.13
CA ARG A 32 -13.39 3.51 -8.41
C ARG A 32 -13.76 4.92 -8.88
N ASN A 33 -13.93 5.89 -7.97
CA ASN A 33 -14.39 7.22 -8.38
C ASN A 33 -13.09 8.05 -8.56
N PHE A 34 -12.65 8.83 -7.56
CA PHE A 34 -11.46 9.68 -7.53
C PHE A 34 -10.06 9.12 -7.19
N LYS A 35 -9.90 7.85 -6.80
CA LYS A 35 -8.57 7.24 -6.47
C LYS A 35 -7.85 7.91 -5.29
N ILE A 36 -6.67 7.38 -4.88
CA ILE A 36 -6.04 7.71 -3.68
C ILE A 36 -4.69 8.43 -3.89
N VAL A 37 -4.40 9.36 -2.96
CA VAL A 37 -3.10 10.04 -2.81
C VAL A 37 -2.31 9.57 -1.58
N THR A 38 -0.98 9.64 -1.68
CA THR A 38 -0.01 8.94 -0.86
C THR A 38 0.86 9.95 -0.09
N GLU A 39 1.16 9.61 1.14
CA GLU A 39 2.10 10.40 1.92
C GLU A 39 3.04 9.46 2.70
N VAL A 40 4.33 9.75 2.63
CA VAL A 40 5.40 8.94 3.20
C VAL A 40 6.31 9.75 4.08
N GLN A 41 6.61 9.20 5.26
CA GLN A 41 7.73 9.63 6.09
C GLN A 41 8.44 8.37 6.61
N GLN A 42 9.72 8.21 6.28
CA GLN A 42 10.43 6.95 6.43
C GLN A 42 11.89 7.23 6.71
N ASP A 43 12.45 6.57 7.71
CA ASP A 43 13.82 6.81 8.16
C ASP A 43 14.41 5.48 8.68
N GLY A 44 15.30 4.91 7.87
CA GLY A 44 16.07 3.74 8.18
C GLY A 44 15.15 2.46 8.33
N GLN A 45 14.89 2.03 9.57
CA GLN A 45 14.11 0.88 9.84
C GLN A 45 12.67 1.26 10.21
N ASP A 46 12.37 2.54 10.50
CA ASP A 46 11.02 3.02 10.78
C ASP A 46 10.28 3.62 9.59
N PHE A 47 9.08 3.12 9.35
CA PHE A 47 8.30 3.30 8.15
C PHE A 47 6.94 3.89 8.46
N THR A 48 6.60 5.05 7.89
CA THR A 48 5.24 5.53 7.79
C THR A 48 4.64 5.66 6.41
N TRP A 49 3.69 4.78 6.09
CA TRP A 49 2.82 4.85 4.92
C TRP A 49 1.53 5.55 5.35
N SER A 50 1.12 6.64 4.70
CA SER A 50 -0.11 7.32 5.03
C SER A 50 -0.82 7.55 3.71
N GLN A 51 -2.12 7.64 3.66
CA GLN A 51 -2.88 7.93 2.52
C GLN A 51 -4.12 8.77 2.84
N HIS A 52 -4.64 9.38 1.78
CA HIS A 52 -5.87 10.18 1.80
C HIS A 52 -6.83 9.79 0.69
N TYR A 53 -8.07 9.54 1.13
CA TYR A 53 -9.26 9.69 0.29
C TYR A 53 -9.27 11.15 -0.18
N SER A 54 -9.24 11.35 -1.49
CA SER A 54 -9.57 12.65 -2.08
C SER A 54 -10.99 13.04 -1.66
N GLY A 55 -11.14 14.22 -1.05
CA GLY A 55 -12.38 14.64 -0.37
C GLY A 55 -12.39 14.53 1.16
N GLY A 56 -11.34 13.97 1.80
CA GLY A 56 -11.05 14.23 3.22
C GLY A 56 -11.30 13.07 4.20
N HIS A 57 -10.47 12.02 4.10
CA HIS A 57 -10.25 11.04 5.18
C HIS A 57 -8.82 10.51 5.10
N THR A 58 -8.25 10.03 6.21
CA THR A 58 -6.85 9.78 6.31
C THR A 58 -6.75 8.29 6.86
N MET A 59 -5.87 7.50 6.28
CA MET A 59 -5.57 6.13 6.73
C MET A 59 -4.04 6.04 6.85
N THR A 60 -3.58 5.71 8.06
CA THR A 60 -2.15 5.72 8.41
C THR A 60 -1.65 4.38 8.91
N ASN A 61 -0.53 3.96 8.35
CA ASN A 61 0.07 2.67 8.48
C ASN A 61 1.54 2.78 8.92
N LYS A 62 1.82 2.73 10.21
CA LYS A 62 3.10 3.04 10.80
C LYS A 62 3.67 1.75 11.35
N PHE A 63 4.94 1.40 11.02
CA PHE A 63 5.53 0.17 11.38
C PHE A 63 7.03 0.26 11.32
N THR A 64 7.69 -0.81 11.76
CA THR A 64 9.15 -1.04 11.68
C THR A 64 9.44 -2.22 10.76
N VAL A 65 10.39 -2.13 9.83
CA VAL A 65 10.77 -3.27 8.97
C VAL A 65 11.54 -4.36 9.72
N GLY A 66 11.26 -5.64 9.43
CA GLY A 66 11.76 -6.78 10.23
C GLY A 66 11.03 -6.98 11.58
N LYS A 67 9.87 -6.34 11.78
CA LYS A 67 8.98 -6.34 12.90
C LYS A 67 7.74 -7.05 12.52
N GLU A 68 7.27 -7.83 13.49
CA GLU A 68 5.99 -8.43 13.38
C GLU A 68 4.89 -7.73 14.12
N SER A 69 3.65 -7.89 13.64
CA SER A 69 2.38 -7.55 14.31
C SER A 69 1.96 -6.09 14.45
N ASN A 70 2.80 -5.12 14.09
CA ASN A 70 2.42 -3.71 14.03
C ASN A 70 2.04 -3.23 12.61
N ILE A 71 1.49 -4.10 11.75
CA ILE A 71 1.22 -3.82 10.32
C ILE A 71 -0.30 -3.62 10.09
N GLN A 72 -0.71 -2.61 9.33
CA GLN A 72 -2.13 -2.31 9.05
C GLN A 72 -2.41 -2.36 7.54
N THR A 73 -3.61 -2.75 7.15
CA THR A 73 -4.27 -2.71 5.85
C THR A 73 -4.82 -1.41 5.38
N MET A 74 -5.52 -1.37 4.23
CA MET A 74 -6.12 -0.15 3.64
C MET A 74 -7.25 0.40 4.50
N GLY A 75 -8.19 -0.49 4.85
CA GLY A 75 -9.32 -0.21 5.65
C GLY A 75 -8.84 0.08 7.12
N GLY A 76 -7.58 -0.25 7.41
CA GLY A 76 -6.88 -0.04 8.68
C GLY A 76 -6.91 -1.26 9.60
N LYS A 77 -7.10 -2.49 9.10
CA LYS A 77 -7.17 -3.66 9.98
C LYS A 77 -5.77 -4.15 10.28
N THR A 78 -5.40 -4.21 11.55
CA THR A 78 -4.11 -4.79 11.95
C THR A 78 -3.96 -6.27 11.62
N PHE A 79 -2.90 -6.67 10.91
CA PHE A 79 -2.48 -8.07 10.80
C PHE A 79 -1.03 -8.40 11.15
N LYS A 80 -0.80 -9.67 11.51
CA LYS A 80 0.48 -10.23 11.98
C LYS A 80 1.47 -10.59 10.86
N ALA A 81 1.89 -9.60 10.06
CA ALA A 81 2.95 -9.76 9.08
C ALA A 81 4.32 -9.37 9.66
N THR A 82 5.41 -9.94 9.14
CA THR A 82 6.74 -9.28 9.09
C THR A 82 6.99 -8.76 7.70
N VAL A 83 7.11 -7.41 7.50
CA VAL A 83 7.55 -6.78 6.30
C VAL A 83 9.10 -6.96 6.15
N GLN A 84 9.59 -7.42 5.01
CA GLN A 84 11.03 -7.45 4.70
C GLN A 84 11.33 -6.35 3.67
N MET A 85 12.60 -6.04 3.44
CA MET A 85 13.01 -5.10 2.39
C MET A 85 14.06 -5.73 1.48
N GLU A 86 13.63 -6.22 0.32
CA GLU A 86 14.50 -6.93 -0.63
C GLU A 86 15.12 -5.98 -1.67
N GLY A 87 16.25 -5.41 -1.30
CA GLY A 87 17.01 -4.39 -2.02
C GLY A 87 16.34 -3.04 -2.02
N GLY A 88 15.27 -2.84 -2.77
CA GLY A 88 14.51 -1.58 -2.82
C GLY A 88 13.04 -1.84 -2.57
N LYS A 89 12.71 -3.13 -2.36
CA LYS A 89 11.34 -3.61 -2.45
C LYS A 89 10.75 -3.96 -1.11
N LEU A 90 9.65 -3.32 -0.70
CA LEU A 90 9.03 -3.65 0.58
C LEU A 90 7.98 -4.76 0.39
N VAL A 91 8.05 -5.79 1.23
CA VAL A 91 7.53 -7.12 0.89
C VAL A 91 6.94 -7.83 2.12
N VAL A 92 5.91 -8.65 1.90
CA VAL A 92 5.27 -9.50 2.92
C VAL A 92 4.85 -10.82 2.26
N ASN A 93 4.56 -11.81 3.11
CA ASN A 93 3.96 -13.09 2.75
C ASN A 93 3.02 -13.52 3.90
N PHE A 94 1.82 -14.01 3.58
CA PHE A 94 0.87 -14.77 4.40
C PHE A 94 0.46 -16.06 3.67
N PRO A 95 -0.41 -16.95 4.21
CA PRO A 95 -0.78 -18.15 3.42
C PRO A 95 -1.44 -17.93 2.04
N ASN A 96 -2.02 -16.74 1.84
CA ASN A 96 -2.67 -16.36 0.60
C ASN A 96 -2.32 -14.94 0.12
N TYR A 97 -1.45 -14.18 0.80
CA TYR A 97 -1.39 -12.73 0.58
C TYR A 97 0.07 -12.33 0.48
N HIS A 98 0.53 -11.51 -0.48
CA HIS A 98 1.93 -11.08 -0.69
C HIS A 98 2.00 -9.74 -1.45
N GLN A 99 3.09 -8.98 -1.36
CA GLN A 99 3.43 -7.99 -2.39
C GLN A 99 4.91 -7.63 -2.36
N THR A 100 5.34 -6.79 -3.28
CA THR A 100 6.69 -6.24 -3.41
C THR A 100 6.46 -4.86 -3.99
N SER A 101 7.03 -3.79 -3.42
CA SER A 101 6.63 -2.47 -3.71
C SER A 101 7.82 -1.57 -3.88
N GLU A 102 8.02 -0.78 -4.96
CA GLU A 102 9.31 -0.08 -5.21
C GLU A 102 9.22 1.30 -5.90
N ILE A 103 10.20 2.20 -5.70
CA ILE A 103 10.33 3.44 -6.50
C ILE A 103 10.94 3.13 -7.87
N VAL A 104 10.50 3.80 -8.95
CA VAL A 104 11.27 3.94 -10.15
C VAL A 104 11.36 5.41 -10.49
N GLY A 105 12.51 5.99 -10.15
CA GLY A 105 12.76 7.46 -10.18
C GLY A 105 11.81 8.28 -9.41
N ASP A 106 10.98 9.07 -10.08
CA ASP A 106 9.93 9.84 -9.43
C ASP A 106 8.55 9.03 -9.38
N LYS A 107 8.51 7.85 -9.95
CA LYS A 107 7.31 7.03 -9.97
C LYS A 107 7.51 5.89 -9.10
N LEU A 108 6.41 5.19 -8.92
CA LEU A 108 6.22 4.40 -7.74
C LEU A 108 5.30 3.25 -8.09
N VAL A 109 5.88 2.06 -8.13
CA VAL A 109 5.32 0.84 -8.74
C VAL A 109 4.95 -0.18 -7.67
N GLU A 110 3.67 -0.54 -7.68
CA GLU A 110 3.06 -1.53 -6.81
C GLU A 110 2.87 -2.85 -7.57
N VAL A 111 3.06 -3.97 -6.87
CA VAL A 111 2.68 -5.30 -7.37
C VAL A 111 2.40 -6.30 -6.23
N SER A 112 1.15 -6.72 -6.12
CA SER A 112 0.61 -7.47 -4.98
C SER A 112 -0.07 -8.75 -5.47
N THR A 113 -0.30 -9.71 -4.58
CA THR A 113 -0.75 -11.05 -4.94
C THR A 113 -1.66 -11.55 -3.85
N ILE A 114 -2.93 -11.83 -4.16
CA ILE A 114 -3.92 -12.36 -3.21
C ILE A 114 -4.56 -13.59 -3.85
N GLY A 115 -4.32 -14.74 -3.25
CA GLY A 115 -4.98 -16.00 -3.52
C GLY A 115 -4.66 -16.54 -4.91
N GLY A 116 -3.48 -16.12 -5.40
CA GLY A 116 -2.98 -16.44 -6.74
C GLY A 116 -3.32 -15.36 -7.77
N VAL A 117 -4.19 -14.36 -7.50
CA VAL A 117 -4.46 -13.24 -8.44
C VAL A 117 -3.67 -11.96 -8.14
N THR A 118 -3.10 -11.35 -9.19
CA THR A 118 -2.18 -10.22 -9.05
C THR A 118 -2.73 -8.78 -9.24
N TYR A 119 -2.26 -7.83 -8.39
CA TYR A 119 -2.58 -6.36 -8.49
C TYR A 119 -1.33 -5.79 -9.02
N GLU A 120 -1.36 -4.83 -9.91
CA GLU A 120 -0.08 -4.16 -10.32
C GLU A 120 -0.47 -2.72 -10.82
N ARG A 121 0.08 -1.61 -10.29
CA ARG A 121 -0.11 -0.24 -10.85
C ARG A 121 0.89 0.82 -10.40
N VAL A 122 0.82 2.04 -10.98
CA VAL A 122 1.83 3.05 -10.74
C VAL A 122 1.25 4.41 -10.38
N SER A 123 1.92 5.04 -9.43
CA SER A 123 1.68 6.37 -8.88
C SER A 123 2.87 7.29 -9.20
N LYS A 124 2.67 8.61 -9.07
CA LYS A 124 3.72 9.62 -9.36
C LYS A 124 3.85 10.69 -8.27
N ARG A 125 5.09 11.01 -7.83
CA ARG A 125 5.30 12.07 -6.81
C ARG A 125 5.07 13.47 -7.36
N LEU A 126 4.74 14.38 -6.45
CA LEU A 126 4.63 15.81 -6.73
C LEU A 126 4.99 16.71 -5.53
N ALA A 127 5.54 16.16 -4.42
CA ALA A 127 6.26 17.02 -3.47
C ALA A 127 7.68 17.34 -3.97
N ALA A 1 14.34 3.85 0.89
CA ALA A 1 13.79 5.02 1.60
C ALA A 1 12.85 5.75 0.66
N PHE A 2 11.61 6.02 1.08
CA PHE A 2 10.50 6.34 0.17
C PHE A 2 9.68 7.60 0.49
N THR A 3 10.18 8.37 1.43
CA THR A 3 9.73 9.71 1.84
C THR A 3 9.21 10.56 0.68
N GLY A 4 7.98 11.05 0.84
CA GLY A 4 7.46 12.20 0.04
C GLY A 4 5.97 12.23 -0.13
N LYS A 5 5.49 12.80 -1.27
CA LYS A 5 4.12 12.98 -1.50
C LYS A 5 3.80 12.46 -2.94
N PHE A 6 2.72 11.72 -3.10
CA PHE A 6 2.50 10.98 -4.34
C PHE A 6 1.00 10.78 -4.53
N GLU A 7 0.51 10.97 -5.75
CA GLU A 7 -0.94 10.90 -6.02
C GLU A 7 -1.19 9.76 -6.98
N MET A 8 -2.14 8.91 -6.66
CA MET A 8 -2.63 7.78 -7.43
C MET A 8 -3.18 8.14 -8.74
N GLU A 9 -2.93 7.36 -9.78
CA GLU A 9 -3.82 7.23 -10.94
C GLU A 9 -3.65 5.78 -11.46
N SER A 10 -4.24 4.75 -10.83
CA SER A 10 -4.11 3.37 -11.37
C SER A 10 -5.17 2.41 -10.87
N GLU A 11 -5.40 1.31 -11.59
CA GLU A 11 -6.56 0.48 -11.48
C GLU A 11 -6.12 -0.82 -12.25
N LYS A 12 -5.36 -1.73 -11.62
CA LYS A 12 -5.15 -3.00 -12.20
C LYS A 12 -5.68 -4.08 -11.31
N ASN A 13 -6.79 -4.70 -11.74
CA ASN A 13 -7.48 -5.79 -11.02
C ASN A 13 -7.95 -5.38 -9.61
N TYR A 14 -8.46 -4.15 -9.45
CA TYR A 14 -8.75 -3.63 -8.10
C TYR A 14 -9.93 -4.31 -7.40
N ASP A 15 -11.01 -4.56 -8.12
CA ASP A 15 -12.29 -4.90 -7.52
C ASP A 15 -12.31 -6.25 -6.64
N GLU A 16 -11.74 -7.28 -7.18
CA GLU A 16 -11.61 -8.60 -6.59
C GLU A 16 -10.59 -8.63 -5.55
N PHE A 17 -9.48 -7.98 -5.84
CA PHE A 17 -8.29 -8.00 -5.00
C PHE A 17 -8.55 -7.21 -3.71
N MET A 18 -9.16 -6.04 -3.83
CA MET A 18 -9.60 -5.26 -2.68
C MET A 18 -10.76 -5.96 -1.95
N LYS A 19 -11.72 -6.62 -2.64
CA LYS A 19 -12.63 -7.42 -1.89
C LYS A 19 -12.01 -8.64 -1.08
N LEU A 20 -11.08 -9.37 -1.69
CA LEU A 20 -10.49 -10.60 -1.12
C LEU A 20 -9.79 -10.34 0.21
N LEU A 21 -9.04 -9.24 0.31
CA LEU A 21 -8.20 -8.99 1.47
C LEU A 21 -8.91 -8.28 2.62
N GLY A 22 -10.21 -7.94 2.49
CA GLY A 22 -11.03 -7.69 3.67
C GLY A 22 -11.99 -6.53 3.57
N ILE A 23 -11.92 -5.73 2.45
CA ILE A 23 -12.85 -4.61 2.45
C ILE A 23 -14.04 -4.89 1.53
N SER A 24 -15.23 -4.34 1.82
CA SER A 24 -16.44 -4.62 1.02
C SER A 24 -16.88 -3.42 0.18
N SER A 25 -17.24 -2.30 0.81
CA SER A 25 -17.53 -1.07 0.16
C SER A 25 -16.48 -0.01 0.35
N ASP A 26 -15.94 0.04 1.60
CA ASP A 26 -15.36 1.27 2.20
C ASP A 26 -14.34 1.97 1.34
N VAL A 27 -13.18 1.36 1.10
CA VAL A 27 -12.15 1.95 0.23
C VAL A 27 -12.31 1.65 -1.27
N ILE A 28 -13.06 0.61 -1.67
CA ILE A 28 -13.14 0.18 -3.08
C ILE A 28 -13.83 1.24 -3.95
N GLU A 29 -14.91 1.88 -3.48
CA GLU A 29 -15.59 2.93 -4.18
C GLU A 29 -14.83 4.25 -4.13
N LYS A 30 -14.04 4.48 -3.08
CA LYS A 30 -13.17 5.67 -2.96
C LYS A 30 -12.00 5.55 -3.92
N ALA A 31 -11.43 4.35 -4.01
CA ALA A 31 -10.30 4.06 -4.88
C ALA A 31 -10.65 3.98 -6.31
N ARG A 32 -11.70 3.27 -6.72
CA ARG A 32 -12.09 3.14 -8.10
C ARG A 32 -12.41 4.47 -8.79
N ASN A 33 -13.08 5.38 -8.07
CA ASN A 33 -13.58 6.63 -8.63
C ASN A 33 -12.48 7.71 -8.72
N PHE A 34 -12.29 8.43 -7.60
CA PHE A 34 -11.34 9.53 -7.44
C PHE A 34 -9.94 9.19 -6.91
N LYS A 35 -9.73 7.94 -6.48
CA LYS A 35 -8.47 7.41 -5.94
C LYS A 35 -7.83 8.27 -4.83
N ILE A 36 -6.72 7.73 -4.32
CA ILE A 36 -6.07 8.00 -3.05
C ILE A 36 -4.76 8.77 -3.27
N VAL A 37 -4.48 9.65 -2.33
CA VAL A 37 -3.24 10.42 -2.22
C VAL A 37 -2.39 10.00 -1.10
N THR A 38 -1.09 9.80 -1.29
CA THR A 38 -0.19 9.31 -0.22
C THR A 38 0.86 10.29 0.25
N GLU A 39 1.11 10.31 1.56
CA GLU A 39 2.15 11.01 2.21
C GLU A 39 2.97 10.08 3.01
N VAL A 40 4.29 10.21 2.93
CA VAL A 40 5.25 9.19 3.37
C VAL A 40 6.40 9.75 4.18
N GLN A 41 6.92 8.97 5.14
CA GLN A 41 8.31 9.24 5.69
C GLN A 41 9.04 7.94 6.01
N GLN A 42 10.33 7.76 5.72
CA GLN A 42 11.06 6.54 6.17
C GLN A 42 12.47 6.88 6.62
N ASP A 43 12.97 6.21 7.66
CA ASP A 43 14.35 6.37 8.12
C ASP A 43 14.88 5.01 8.58
N GLY A 44 15.49 4.29 7.64
CA GLY A 44 16.07 2.93 7.91
C GLY A 44 15.09 1.82 7.97
N GLN A 45 14.92 1.31 9.18
CA GLN A 45 13.86 0.37 9.51
C GLN A 45 12.58 1.09 9.93
N ASP A 46 12.63 2.31 10.46
CA ASP A 46 11.40 3.01 10.87
C ASP A 46 10.74 3.65 9.64
N PHE A 47 9.41 3.68 9.69
CA PHE A 47 8.55 3.86 8.53
C PHE A 47 7.20 4.52 8.82
N THR A 48 6.68 5.33 7.91
CA THR A 48 5.30 5.81 7.96
C THR A 48 4.78 5.89 6.53
N TRP A 49 3.60 5.30 6.33
CA TRP A 49 2.75 5.48 5.15
C TRP A 49 1.40 6.03 5.63
N SER A 50 0.89 7.05 4.95
CA SER A 50 -0.39 7.66 5.27
C SER A 50 -1.11 8.01 3.94
N GLN A 51 -2.33 7.52 3.85
CA GLN A 51 -3.20 7.59 2.70
C GLN A 51 -4.36 8.54 3.00
N HIS A 52 -4.81 9.25 1.98
CA HIS A 52 -5.91 10.23 2.07
C HIS A 52 -6.83 10.02 0.88
N TYR A 53 -8.10 9.62 1.08
CA TYR A 53 -9.06 9.54 -0.04
C TYR A 53 -9.18 10.99 -0.56
N SER A 54 -9.49 11.14 -1.86
CA SER A 54 -9.89 12.49 -2.42
C SER A 54 -11.17 12.96 -1.80
N GLY A 55 -11.92 12.05 -1.20
CA GLY A 55 -13.11 12.37 -0.42
C GLY A 55 -12.90 12.88 1.00
N GLY A 56 -11.65 13.08 1.43
CA GLY A 56 -11.31 13.79 2.67
C GLY A 56 -11.19 12.95 3.95
N HIS A 57 -10.95 11.63 3.83
CA HIS A 57 -10.67 10.74 4.98
C HIS A 57 -9.23 10.20 4.93
N THR A 58 -8.61 10.01 6.10
CA THR A 58 -7.23 9.52 6.25
C THR A 58 -7.23 8.10 6.84
N MET A 59 -6.22 7.33 6.44
CA MET A 59 -5.69 6.19 7.16
C MET A 59 -4.14 6.24 7.20
N THR A 60 -3.55 5.43 8.08
CA THR A 60 -2.16 5.29 8.34
C THR A 60 -1.83 3.84 8.49
N ASN A 61 -0.62 3.51 8.01
CA ASN A 61 0.01 2.25 8.39
C ASN A 61 1.41 2.55 8.91
N LYS A 62 1.85 2.00 10.06
CA LYS A 62 3.18 2.31 10.67
C LYS A 62 3.81 1.13 11.40
N PHE A 63 5.10 0.86 11.15
CA PHE A 63 5.87 -0.20 11.79
C PHE A 63 7.39 0.00 11.63
N THR A 64 8.18 -0.67 12.46
CA THR A 64 9.59 -1.00 12.19
C THR A 64 9.78 -2.20 11.24
N VAL A 65 10.58 -2.14 10.19
CA VAL A 65 10.80 -3.29 9.29
C VAL A 65 11.46 -4.51 9.95
N GLY A 66 11.15 -5.74 9.50
CA GLY A 66 11.67 -6.98 10.10
C GLY A 66 11.00 -7.35 11.43
N LYS A 67 9.91 -6.65 11.77
CA LYS A 67 9.10 -6.74 13.00
C LYS A 67 7.72 -6.92 12.52
N GLU A 68 6.95 -7.53 13.40
CA GLU A 68 5.59 -8.02 13.15
C GLU A 68 4.56 -7.22 13.97
N SER A 69 3.26 -7.48 13.79
CA SER A 69 2.16 -7.09 14.71
C SER A 69 1.88 -5.59 14.86
N ASN A 70 2.09 -4.82 13.79
CA ASN A 70 2.18 -3.39 13.74
C ASN A 70 1.69 -2.98 12.35
N ILE A 71 1.11 -3.88 11.61
CA ILE A 71 0.91 -3.80 10.18
C ILE A 71 -0.55 -3.63 9.97
N GLN A 72 -0.99 -2.76 9.00
CA GLN A 72 -2.38 -2.35 8.81
C GLN A 72 -2.65 -2.24 7.29
N THR A 73 -3.99 -2.29 7.01
CA THR A 73 -4.61 -2.32 5.66
C THR A 73 -4.98 -0.89 5.15
N MET A 74 -5.63 -0.82 3.96
CA MET A 74 -6.30 0.40 3.50
C MET A 74 -7.55 0.76 4.32
N GLY A 75 -8.30 -0.22 4.83
CA GLY A 75 -9.42 -0.01 5.68
C GLY A 75 -8.92 0.22 7.03
N GLY A 76 -7.64 0.00 7.33
CA GLY A 76 -7.02 0.21 8.67
C GLY A 76 -6.98 -0.98 9.63
N LYS A 77 -7.38 -2.19 9.22
CA LYS A 77 -7.37 -3.42 10.04
C LYS A 77 -5.92 -3.81 10.34
N THR A 78 -5.55 -4.12 11.59
CA THR A 78 -4.17 -4.61 11.89
C THR A 78 -4.07 -6.12 11.49
N PHE A 79 -2.92 -6.59 11.02
CA PHE A 79 -2.59 -8.02 10.99
C PHE A 79 -1.13 -8.28 11.36
N LYS A 80 -0.79 -9.53 11.73
CA LYS A 80 0.53 -9.85 12.22
C LYS A 80 1.41 -10.46 11.16
N ALA A 81 2.07 -9.57 10.36
CA ALA A 81 2.93 -9.93 9.20
C ALA A 81 4.30 -9.29 9.35
N THR A 82 5.33 -10.04 8.92
CA THR A 82 6.72 -9.53 8.96
C THR A 82 7.14 -8.94 7.68
N VAL A 83 7.44 -7.65 7.68
CA VAL A 83 7.79 -6.93 6.44
C VAL A 83 9.28 -7.07 6.20
N GLN A 84 9.67 -7.44 4.99
CA GLN A 84 11.08 -7.59 4.61
C GLN A 84 11.43 -6.61 3.49
N MET A 85 12.72 -6.38 3.27
CA MET A 85 13.30 -5.42 2.30
C MET A 85 14.15 -6.10 1.20
N GLU A 86 13.51 -6.64 0.18
CA GLU A 86 14.18 -7.18 -1.01
C GLU A 86 14.73 -6.03 -1.89
N GLY A 87 16.02 -5.70 -1.77
CA GLY A 87 16.66 -4.65 -2.61
C GLY A 87 16.13 -3.22 -2.37
N GLY A 88 15.77 -2.88 -1.13
CA GLY A 88 15.05 -1.65 -0.76
C GLY A 88 13.53 -1.70 -0.94
N LYS A 89 12.98 -2.78 -1.51
CA LYS A 89 11.53 -2.98 -1.83
C LYS A 89 10.89 -3.69 -0.68
N LEU A 90 9.98 -3.04 0.00
CA LEU A 90 9.31 -3.73 1.09
C LEU A 90 8.25 -4.71 0.51
N VAL A 91 7.95 -5.80 1.22
CA VAL A 91 7.25 -6.98 0.82
C VAL A 91 6.65 -7.71 2.08
N VAL A 92 5.48 -8.35 1.98
CA VAL A 92 4.95 -9.22 3.06
C VAL A 92 4.60 -10.58 2.48
N ASN A 93 4.53 -11.61 3.32
CA ASN A 93 4.15 -12.94 2.89
C ASN A 93 3.19 -13.44 3.98
N PHE A 94 2.12 -14.11 3.59
CA PHE A 94 1.05 -14.55 4.50
C PHE A 94 0.43 -15.74 3.74
N PRO A 95 -0.38 -16.61 4.38
CA PRO A 95 -0.91 -17.84 3.75
C PRO A 95 -1.68 -17.64 2.42
N ASN A 96 -2.34 -16.49 2.25
CA ASN A 96 -3.05 -16.12 1.05
C ASN A 96 -2.41 -14.92 0.33
N TYR A 97 -1.32 -14.31 0.80
CA TYR A 97 -0.96 -12.95 0.36
C TYR A 97 0.53 -12.68 0.13
N HIS A 98 0.86 -11.88 -0.88
CA HIS A 98 2.18 -11.33 -1.14
C HIS A 98 2.03 -9.90 -1.64
N GLN A 99 3.00 -9.04 -1.36
CA GLN A 99 3.12 -7.72 -1.97
C GLN A 99 4.59 -7.41 -2.22
N THR A 100 4.83 -6.44 -3.08
CA THR A 100 6.12 -5.71 -3.17
C THR A 100 5.83 -4.26 -3.62
N SER A 101 6.58 -3.29 -3.11
CA SER A 101 6.56 -1.85 -3.50
C SER A 101 7.92 -1.31 -3.97
N GLU A 102 7.95 -0.37 -4.92
CA GLU A 102 9.21 0.19 -5.50
C GLU A 102 9.13 1.58 -6.21
N ILE A 103 10.27 2.31 -6.35
CA ILE A 103 10.44 3.55 -7.10
C ILE A 103 10.95 3.17 -8.54
N VAL A 104 10.34 3.78 -9.57
CA VAL A 104 10.74 3.70 -10.98
C VAL A 104 10.98 5.11 -11.54
N GLY A 105 12.17 5.65 -11.25
CA GLY A 105 12.54 7.03 -11.55
C GLY A 105 11.73 8.04 -10.73
N ASP A 106 10.74 8.66 -11.36
CA ASP A 106 9.78 9.58 -10.72
C ASP A 106 8.36 9.01 -10.48
N LYS A 107 8.12 7.80 -11.00
CA LYS A 107 6.84 7.06 -10.90
C LYS A 107 6.97 5.99 -9.82
N LEU A 108 5.90 5.69 -9.18
CA LEU A 108 6.04 4.87 -8.03
C LEU A 108 5.11 3.69 -8.26
N VAL A 109 5.61 2.47 -8.13
CA VAL A 109 4.98 1.24 -8.59
C VAL A 109 4.71 0.25 -7.38
N GLU A 110 3.56 -0.40 -7.36
CA GLU A 110 3.30 -1.38 -6.31
C GLU A 110 2.47 -2.49 -6.85
N VAL A 111 2.94 -3.70 -6.63
CA VAL A 111 2.40 -4.88 -7.24
C VAL A 111 2.18 -5.96 -6.16
N SER A 112 1.01 -6.56 -6.06
CA SER A 112 0.71 -7.54 -5.01
C SER A 112 -0.12 -8.70 -5.51
N THR A 113 -0.13 -9.81 -4.78
CA THR A 113 -0.81 -11.06 -5.18
C THR A 113 -1.55 -11.63 -3.97
N ILE A 114 -2.88 -11.72 -4.02
CA ILE A 114 -3.69 -12.49 -3.09
C ILE A 114 -4.12 -13.78 -3.78
N GLY A 115 -3.84 -14.95 -3.22
CA GLY A 115 -4.53 -16.21 -3.60
C GLY A 115 -4.00 -16.78 -4.88
N GLY A 116 -3.03 -16.08 -5.44
CA GLY A 116 -2.49 -16.25 -6.79
C GLY A 116 -3.05 -15.30 -7.77
N VAL A 117 -3.82 -14.28 -7.39
CA VAL A 117 -4.30 -13.19 -8.28
C VAL A 117 -3.68 -11.84 -7.96
N THR A 118 -3.32 -11.05 -8.98
CA THR A 118 -2.29 -10.01 -9.00
C THR A 118 -2.79 -8.63 -9.27
N TYR A 119 -2.35 -7.67 -8.49
CA TYR A 119 -2.68 -6.29 -8.53
C TYR A 119 -1.40 -5.50 -8.77
N GLU A 120 -1.53 -4.33 -9.36
CA GLU A 120 -0.49 -3.35 -9.55
C GLU A 120 -1.11 -1.99 -9.43
N ARG A 121 -0.38 -1.02 -8.89
CA ARG A 121 -0.79 0.40 -9.07
C ARG A 121 0.46 1.20 -9.41
N VAL A 122 0.25 2.41 -9.89
CA VAL A 122 1.27 3.40 -10.28
C VAL A 122 0.83 4.82 -9.90
N SER A 123 1.79 5.74 -9.72
CA SER A 123 1.60 7.01 -9.16
C SER A 123 2.71 7.97 -9.52
N LYS A 124 2.35 9.24 -9.39
CA LYS A 124 3.33 10.26 -9.80
C LYS A 124 3.68 11.11 -8.58
N ARG A 125 4.95 11.48 -8.42
CA ARG A 125 5.46 12.30 -7.30
C ARG A 125 5.29 13.80 -7.57
N LEU A 126 5.22 14.58 -6.49
CA LEU A 126 5.29 16.03 -6.62
C LEU A 126 5.80 16.65 -5.37
N ALA A 127 6.46 15.93 -4.45
CA ALA A 127 7.24 16.53 -3.41
C ALA A 127 8.69 16.84 -3.96
#